data_5IX0
#
_entry.id   5IX0
#
_cell.length_a   92.195
_cell.length_b   97.473
_cell.length_c   139.254
_cell.angle_alpha   90.00
_cell.angle_beta   90.00
_cell.angle_gamma   90.00
#
_symmetry.space_group_name_H-M   'P 21 21 21'
#
loop_
_entity.id
_entity.type
_entity.pdbx_description
1 polymer 'Histone deacetylase 2'
2 non-polymer 'ZINC ION'
3 non-polymer 'CALCIUM ION'
4 non-polymer "(3-exo)-N-(4-amino-4'-fluoro[1,1'-biphenyl]-3-yl)-8-oxabicyclo[3.2.1]octane-3-carboxamide"
5 non-polymer DI(HYDROXYETHYL)ETHER
6 non-polymer 'TETRAETHYLENE GLYCOL'
7 non-polymer 1-METHOXY-2-[2-(2-METHOXY-ETHOXY]-ETHANE
8 non-polymer 'TRIETHYLENE GLYCOL'
9 non-polymer 1,2-ETHANEDIOL
10 water water
#
_entity_poly.entity_id   1
_entity_poly.type   'polypeptide(L)'
_entity_poly.pdbx_seq_one_letter_code
;GGKKKVCYYYDGDIGNYYYGQGHPMKPHRIRMTHNLLLNYGLYRKMEIYRPHKATAEEMTKYHSDEYIKFLRSIRPDNMS
EYSKQMQRFNVGEDCPVFDGLFEFCQLSTGGSVAGAVKLNRQQTDMAVNWAGGLHHAKKSEASGFCYVNDIVLAILELLK
YHQRVLYIDIDIHHGDGVEEAFYTTDRVMTVSFHKYGEYFPGTGDLRDIGAGKGKYYAVNFPMRDGIDDESYGQIFKPII
SKVMEMYQPSAVVLQCGADSLSGDRLGCFNLTVKGHAKCVEVVKTFNLPLLMLGGGGYTIRNVARCWTYETAVALDCEIP
NELPYNDYFEYFGPDFKLHISPSNMTNQNTPEYMEKIKQRLFENLRMLP
;
_entity_poly.pdbx_strand_id   A,B,C
#
loop_
_chem_comp.id
_chem_comp.type
_chem_comp.name
_chem_comp.formula
6EZ non-polymer (3-exo)-N-(4-amino-4'-fluoro[1,1'-biphenyl]-3-yl)-8-oxabicyclo[3.2.1]octane-3-carboxamide 'C20 H21 F N2 O2'
CA non-polymer 'CALCIUM ION' 'Ca 2'
EDO non-polymer 1,2-ETHANEDIOL 'C2 H6 O2'
PEG non-polymer DI(HYDROXYETHYL)ETHER 'C4 H10 O3'
PG4 non-polymer 'TETRAETHYLENE GLYCOL' 'C8 H18 O5'
PG5 non-polymer 1-METHOXY-2-[2-(2-METHOXY-ETHOXY]-ETHANE 'C8 H18 O4'
PGE non-polymer 'TRIETHYLENE GLYCOL' 'C6 H14 O4'
ZN non-polymer 'ZINC ION' 'Zn 2'
#
# COMPACT_ATOMS: atom_id res chain seq x y z
N GLY A 1 -24.46 -26.06 -10.03
CA GLY A 1 -24.36 -25.14 -11.20
C GLY A 1 -25.68 -24.99 -11.93
N GLY A 2 -25.61 -24.93 -13.26
CA GLY A 2 -26.80 -24.89 -14.13
C GLY A 2 -27.45 -23.53 -14.28
N LYS A 3 -28.42 -23.45 -15.21
CA LYS A 3 -29.25 -22.27 -15.40
C LYS A 3 -30.32 -22.22 -14.31
N LYS A 4 -30.71 -20.99 -13.96
CA LYS A 4 -31.46 -20.70 -12.74
C LYS A 4 -32.74 -19.91 -13.03
N LYS A 5 -33.77 -20.12 -12.20
CA LYS A 5 -35.05 -19.41 -12.33
C LYS A 5 -34.89 -17.96 -11.88
N VAL A 6 -35.37 -17.03 -12.71
CA VAL A 6 -35.27 -15.59 -12.46
C VAL A 6 -36.69 -15.00 -12.44
N CYS A 7 -36.99 -14.27 -11.37
CA CYS A 7 -38.23 -13.49 -11.24
C CYS A 7 -37.84 -12.01 -11.25
N TYR A 8 -38.56 -11.20 -12.03
CA TYR A 8 -38.17 -9.82 -12.32
C TYR A 8 -39.36 -8.92 -11.96
N TYR A 9 -39.08 -7.84 -11.23
CA TYR A 9 -40.11 -6.96 -10.68
C TYR A 9 -40.07 -5.59 -11.35
N TYR A 10 -41.19 -5.16 -11.91
CA TYR A 10 -41.29 -3.89 -12.63
C TYR A 10 -42.71 -3.34 -12.57
N ASP A 11 -42.85 -2.05 -12.28
CA ASP A 11 -44.12 -1.35 -12.41
C ASP A 11 -43.96 -0.29 -13.50
N GLY A 12 -44.83 -0.35 -14.53
CA GLY A 12 -44.86 0.63 -15.62
C GLY A 12 -45.15 2.08 -15.27
N ASP A 13 -45.64 2.35 -14.06
CA ASP A 13 -45.78 3.73 -13.55
C ASP A 13 -44.47 4.37 -13.07
N ILE A 14 -43.42 3.58 -12.81
CA ILE A 14 -42.17 4.07 -12.22
C ILE A 14 -41.49 5.20 -13.03
N GLY A 15 -41.54 5.10 -14.36
CA GLY A 15 -40.97 6.11 -15.25
C GLY A 15 -41.60 7.49 -15.23
N ASN A 16 -42.83 7.61 -14.75
CA ASN A 16 -43.56 8.89 -14.67
C ASN A 16 -43.26 9.76 -13.44
N TYR A 17 -42.55 9.22 -12.43
CA TYR A 17 -42.15 10.00 -11.25
C TYR A 17 -41.00 10.93 -11.60
N TYR A 18 -41.08 12.19 -11.14
CA TYR A 18 -40.18 13.26 -11.54
C TYR A 18 -39.64 14.00 -10.32
N TYR A 19 -38.32 13.91 -10.11
CA TYR A 19 -37.65 14.63 -9.00
C TYR A 19 -37.65 16.16 -9.13
N GLY A 20 -37.82 16.70 -10.34
CA GLY A 20 -37.87 18.15 -10.60
C GLY A 20 -36.81 18.56 -11.60
N GLN A 21 -36.93 19.80 -12.09
CA GLN A 21 -36.05 20.33 -13.15
C GLN A 21 -34.58 20.32 -12.73
N GLY A 22 -33.74 19.71 -13.57
CA GLY A 22 -32.30 19.61 -13.32
C GLY A 22 -31.82 18.58 -12.31
N HIS A 23 -32.72 17.82 -11.68
CA HIS A 23 -32.33 16.83 -10.68
C HIS A 23 -31.80 15.58 -11.42
N PRO A 24 -30.58 15.09 -11.08
CA PRO A 24 -29.99 14.02 -11.90
C PRO A 24 -30.64 12.63 -11.82
N MET A 25 -31.30 12.29 -10.71
CA MET A 25 -32.14 11.08 -10.63
C MET A 25 -33.35 11.10 -11.58
N LYS A 26 -33.35 10.18 -12.54
CA LYS A 26 -34.38 10.07 -13.58
C LYS A 26 -35.02 8.67 -13.47
N PRO A 27 -36.15 8.53 -12.74
CA PRO A 27 -36.85 7.20 -12.69
C PRO A 27 -37.23 6.60 -14.06
N HIS A 28 -37.35 7.46 -15.08
CA HIS A 28 -37.37 7.10 -16.52
C HIS A 28 -36.34 6.02 -16.96
N ARG A 29 -35.14 6.06 -16.39
CA ARG A 29 -34.09 5.04 -16.69
C ARG A 29 -34.52 3.57 -16.43
N ILE A 30 -35.43 3.36 -15.47
CA ILE A 30 -35.98 2.03 -15.17
C ILE A 30 -36.89 1.56 -16.32
N ARG A 31 -37.73 2.47 -16.83
CA ARG A 31 -38.52 2.22 -18.05
C ARG A 31 -37.65 1.94 -19.28
N MET A 32 -36.58 2.72 -19.45
CA MET A 32 -35.61 2.50 -20.54
C MET A 32 -34.97 1.11 -20.45
N THR A 33 -34.56 0.73 -19.25
CA THR A 33 -34.01 -0.61 -18.96
C THR A 33 -35.02 -1.70 -19.35
N HIS A 34 -36.24 -1.56 -18.86
CA HIS A 34 -37.33 -2.49 -19.13
C HIS A 34 -37.60 -2.65 -20.63
N ASN A 35 -37.77 -1.52 -21.30
CA ASN A 35 -38.07 -1.52 -22.73
C ASN A 35 -36.95 -2.14 -23.57
N LEU A 36 -35.69 -1.88 -23.20
CA LEU A 36 -34.54 -2.46 -23.92
C LEU A 36 -34.50 -3.98 -23.77
N LEU A 37 -34.62 -4.47 -22.53
CA LEU A 37 -34.57 -5.92 -22.27
C LEU A 37 -35.78 -6.69 -22.86
N LEU A 38 -36.97 -6.05 -22.89
CA LEU A 38 -38.13 -6.59 -23.63
C LEU A 38 -37.84 -6.73 -25.12
N ASN A 39 -37.22 -5.71 -25.70
CA ASN A 39 -36.85 -5.73 -27.12
C ASN A 39 -35.71 -6.70 -27.48
N TYR A 40 -34.88 -7.06 -26.52
CA TYR A 40 -33.96 -8.22 -26.66
C TYR A 40 -34.63 -9.60 -26.55
N GLY A 41 -35.91 -9.65 -26.17
CA GLY A 41 -36.65 -10.91 -25.99
C GLY A 41 -36.44 -11.61 -24.65
N LEU A 42 -35.86 -10.91 -23.66
CA LEU A 42 -35.51 -11.54 -22.36
C LEU A 42 -36.73 -11.88 -21.48
N TYR A 43 -37.88 -11.26 -21.73
CA TYR A 43 -39.19 -11.69 -21.17
C TYR A 43 -39.57 -13.17 -21.42
N ARG A 44 -39.11 -13.73 -22.54
CA ARG A 44 -39.33 -15.16 -22.86
C ARG A 44 -38.68 -16.13 -21.86
N LYS A 45 -37.59 -15.71 -21.22
CA LYS A 45 -36.79 -16.54 -20.30
C LYS A 45 -37.01 -16.30 -18.79
N MET A 46 -37.85 -15.33 -18.40
CA MET A 46 -38.13 -15.04 -16.97
C MET A 46 -39.58 -14.68 -16.69
N GLU A 47 -39.97 -14.80 -15.42
CA GLU A 47 -41.29 -14.42 -14.95
C GLU A 47 -41.25 -12.94 -14.57
N ILE A 48 -42.17 -12.16 -15.14
CA ILE A 48 -42.26 -10.71 -14.89
C ILE A 48 -43.45 -10.48 -13.95
N TYR A 49 -43.18 -9.87 -12.80
CA TYR A 49 -44.18 -9.53 -11.78
C TYR A 49 -44.27 -8.02 -11.61
N ARG A 50 -45.46 -7.55 -11.27
CA ARG A 50 -45.66 -6.17 -10.87
C ARG A 50 -45.61 -6.13 -9.34
N PRO A 51 -44.72 -5.30 -8.75
CA PRO A 51 -44.64 -5.24 -7.28
C PRO A 51 -45.91 -4.65 -6.68
N HIS A 52 -46.32 -5.16 -5.52
CA HIS A 52 -47.31 -4.48 -4.67
C HIS A 52 -46.75 -3.14 -4.16
N LYS A 53 -47.64 -2.23 -3.78
CA LYS A 53 -47.24 -1.00 -3.08
C LYS A 53 -46.98 -1.34 -1.62
N ALA A 54 -45.72 -1.29 -1.19
CA ALA A 54 -45.34 -1.60 0.21
C ALA A 54 -46.07 -0.67 1.20
N THR A 55 -46.62 -1.23 2.27
CA THR A 55 -47.41 -0.47 3.25
C THR A 55 -46.52 0.18 4.31
N ALA A 56 -47.13 1.06 5.11
CA ALA A 56 -46.46 1.65 6.30
C ALA A 56 -46.00 0.60 7.33
N GLU A 57 -46.81 -0.45 7.53
CA GLU A 57 -46.43 -1.62 8.35
C GLU A 57 -45.13 -2.26 7.86
N GLU A 58 -45.01 -2.46 6.54
CA GLU A 58 -43.80 -3.03 5.94
C GLU A 58 -42.59 -2.11 6.13
N MET A 59 -42.75 -0.82 5.87
CA MET A 59 -41.65 0.16 6.00
C MET A 59 -41.17 0.37 7.42
N THR A 60 -42.08 0.33 8.40
CA THR A 60 -41.72 0.49 9.82
C THR A 60 -41.13 -0.76 10.50
N LYS A 61 -40.91 -1.85 9.75
CA LYS A 61 -40.01 -2.93 10.17
C LYS A 61 -38.55 -2.45 10.34
N TYR A 62 -38.17 -1.39 9.63
CA TYR A 62 -36.92 -0.66 9.88
C TYR A 62 -37.12 0.80 10.31
N HIS A 63 -37.83 1.58 9.50
CA HIS A 63 -37.92 3.05 9.71
C HIS A 63 -38.83 3.41 10.88
N SER A 64 -38.59 4.59 11.44
CA SER A 64 -39.41 5.09 12.54
C SER A 64 -40.83 5.43 12.07
N ASP A 65 -41.79 5.31 12.98
CA ASP A 65 -43.19 5.65 12.71
C ASP A 65 -43.35 7.12 12.28
N GLU A 66 -42.63 8.03 12.97
CA GLU A 66 -42.66 9.48 12.68
C GLU A 66 -42.13 9.82 11.27
N TYR A 67 -41.05 9.16 10.86
CA TYR A 67 -40.47 9.38 9.52
C TYR A 67 -41.40 8.87 8.41
N ILE A 68 -41.95 7.66 8.56
CA ILE A 68 -42.90 7.10 7.57
C ILE A 68 -44.22 7.89 7.56
N LYS A 69 -44.71 8.31 8.72
CA LYS A 69 -45.88 9.22 8.81
C LYS A 69 -45.65 10.54 8.05
N PHE A 70 -44.44 11.09 8.17
CA PHE A 70 -44.03 12.30 7.42
C PHE A 70 -44.01 12.08 5.91
N LEU A 71 -43.39 10.98 5.47
CA LEU A 71 -43.35 10.63 4.03
C LEU A 71 -44.75 10.43 3.43
N ARG A 72 -45.65 9.80 4.19
CA ARG A 72 -47.08 9.67 3.82
C ARG A 72 -47.88 10.98 3.72
N SER A 73 -47.47 12.01 4.46
CA SER A 73 -48.19 13.29 4.57
C SER A 73 -47.66 14.41 3.66
N ILE A 74 -46.34 14.48 3.50
CA ILE A 74 -45.68 15.61 2.80
C ILE A 74 -45.99 15.66 1.29
N ARG A 75 -46.40 16.85 0.82
CA ARG A 75 -46.72 17.11 -0.60
C ARG A 75 -46.20 18.49 -1.02
N PRO A 76 -46.02 18.74 -2.35
CA PRO A 76 -45.65 20.09 -2.82
C PRO A 76 -46.61 21.22 -2.41
N ASP A 77 -47.92 20.93 -2.37
CA ASP A 77 -48.93 21.90 -1.91
C ASP A 77 -48.92 22.27 -0.41
N ASN A 78 -48.38 21.40 0.46
CA ASN A 78 -48.34 21.64 1.93
C ASN A 78 -46.93 21.82 2.57
N MET A 79 -45.91 22.12 1.77
CA MET A 79 -44.50 22.17 2.22
C MET A 79 -44.20 23.20 3.32
N SER A 80 -44.84 24.37 3.24
CA SER A 80 -44.70 25.43 4.26
C SER A 80 -45.13 25.00 5.67
N GLU A 81 -46.14 24.13 5.75
CA GLU A 81 -46.62 23.58 7.04
C GLU A 81 -45.65 22.61 7.73
N TYR A 82 -44.78 21.93 6.95
CA TYR A 82 -43.79 20.97 7.46
C TYR A 82 -42.32 21.47 7.33
N SER A 83 -42.09 22.76 7.58
CA SER A 83 -40.74 23.36 7.45
C SER A 83 -39.72 22.76 8.45
N LYS A 84 -40.17 22.56 9.70
CA LYS A 84 -39.37 21.93 10.77
C LYS A 84 -39.03 20.48 10.46
N GLN A 85 -40.06 19.70 10.12
CA GLN A 85 -39.92 18.26 9.83
C GLN A 85 -39.09 17.94 8.58
N MET A 86 -39.26 18.76 7.53
CA MET A 86 -38.42 18.67 6.30
C MET A 86 -36.92 18.71 6.59
N GLN A 87 -36.51 19.65 7.44
CA GLN A 87 -35.12 19.74 7.92
C GLN A 87 -34.71 18.55 8.79
N ARG A 88 -35.57 18.18 9.73
CA ARG A 88 -35.38 17.01 10.62
C ARG A 88 -35.16 15.69 9.85
N PHE A 89 -35.98 15.46 8.83
CA PHE A 89 -35.91 14.24 8.00
C PHE A 89 -35.04 14.36 6.72
N ASN A 90 -34.35 15.48 6.54
CA ASN A 90 -33.46 15.74 5.39
C ASN A 90 -34.17 15.66 4.02
N VAL A 91 -35.36 16.26 3.96
CA VAL A 91 -36.19 16.31 2.74
C VAL A 91 -36.37 17.79 2.35
N GLY A 92 -36.42 18.06 1.05
CA GLY A 92 -36.62 19.42 0.50
C GLY A 92 -35.59 19.90 -0.52
N GLU A 93 -34.33 19.47 -0.38
CA GLU A 93 -33.20 19.94 -1.23
C GLU A 93 -32.71 18.81 -2.17
N ASP A 94 -31.67 18.05 -1.80
CA ASP A 94 -31.20 16.89 -2.62
C ASP A 94 -32.23 15.77 -2.70
N CYS A 95 -33.02 15.58 -1.63
CA CYS A 95 -34.14 14.65 -1.58
C CYS A 95 -35.42 15.48 -1.60
N PRO A 96 -35.85 15.96 -2.80
CA PRO A 96 -36.97 16.91 -2.83
C PRO A 96 -38.34 16.29 -2.55
N VAL A 97 -39.31 17.15 -2.27
CA VAL A 97 -40.72 16.77 -2.22
C VAL A 97 -41.21 16.91 -3.67
N PHE A 98 -41.72 15.81 -4.23
CA PHE A 98 -42.36 15.80 -5.56
C PHE A 98 -43.67 15.04 -5.53
N ASP A 99 -44.49 15.24 -6.56
CA ASP A 99 -45.82 14.59 -6.66
C ASP A 99 -45.70 13.05 -6.65
N GLY A 100 -46.45 12.41 -5.75
CA GLY A 100 -46.42 10.97 -5.60
C GLY A 100 -45.16 10.39 -4.98
N LEU A 101 -44.44 11.17 -4.17
CA LEU A 101 -43.21 10.72 -3.47
C LEU A 101 -43.43 9.41 -2.70
N PHE A 102 -44.50 9.35 -1.90
CA PHE A 102 -44.76 8.15 -1.11
C PHE A 102 -45.04 6.92 -1.99
N GLU A 103 -45.90 7.07 -3.00
CA GLU A 103 -46.15 5.98 -3.98
C GLU A 103 -44.87 5.48 -4.66
N PHE A 104 -43.96 6.39 -5.01
CA PHE A 104 -42.63 6.06 -5.55
C PHE A 104 -41.82 5.19 -4.57
N CYS A 105 -41.81 5.57 -3.27
CA CYS A 105 -41.18 4.75 -2.22
C CYS A 105 -41.83 3.36 -2.08
N GLN A 106 -43.16 3.32 -2.18
CA GLN A 106 -43.91 2.04 -2.09
C GLN A 106 -43.57 1.08 -3.23
N LEU A 107 -43.40 1.60 -4.45
CA LEU A 107 -43.07 0.79 -5.65
C LEU A 107 -41.66 0.22 -5.61
N SER A 108 -40.69 1.07 -5.32
CA SER A 108 -39.29 0.63 -5.22
C SER A 108 -39.10 -0.39 -4.10
N THR A 109 -39.71 -0.13 -2.94
CA THR A 109 -39.66 -1.05 -1.80
C THR A 109 -40.39 -2.37 -2.07
N GLY A 110 -41.59 -2.28 -2.63
CA GLY A 110 -42.42 -3.44 -2.95
C GLY A 110 -41.73 -4.53 -3.77
N GLY A 111 -40.97 -4.13 -4.78
CA GLY A 111 -40.19 -5.05 -5.60
C GLY A 111 -39.14 -5.83 -4.83
N SER A 112 -38.42 -5.14 -3.94
CA SER A 112 -37.35 -5.76 -3.14
C SER A 112 -37.89 -6.74 -2.09
N VAL A 113 -38.94 -6.33 -1.38
CA VAL A 113 -39.57 -7.19 -0.35
C VAL A 113 -40.30 -8.37 -1.01
N ALA A 114 -41.01 -8.14 -2.13
CA ALA A 114 -41.63 -9.24 -2.91
C ALA A 114 -40.61 -10.26 -3.40
N GLY A 115 -39.49 -9.77 -3.94
CA GLY A 115 -38.36 -10.62 -4.34
C GLY A 115 -37.79 -11.46 -3.22
N ALA A 116 -37.60 -10.84 -2.05
CA ALA A 116 -37.16 -11.56 -0.83
C ALA A 116 -38.11 -12.67 -0.39
N VAL A 117 -39.41 -12.38 -0.42
CA VAL A 117 -40.47 -13.37 -0.10
C VAL A 117 -40.41 -14.55 -1.08
N LYS A 118 -40.29 -14.25 -2.37
CA LYS A 118 -40.15 -15.27 -3.42
C LYS A 118 -38.94 -16.19 -3.20
N LEU A 119 -37.80 -15.59 -2.85
CA LEU A 119 -36.59 -16.32 -2.48
C LEU A 119 -36.77 -17.17 -1.22
N ASN A 120 -37.37 -16.60 -0.17
CA ASN A 120 -37.70 -17.33 1.07
C ASN A 120 -38.59 -18.56 0.87
N ARG A 121 -39.57 -18.42 -0.02
CA ARG A 121 -40.47 -19.54 -0.38
C ARG A 121 -39.83 -20.60 -1.30
N GLN A 122 -38.59 -20.39 -1.75
CA GLN A 122 -37.86 -21.29 -2.66
C GLN A 122 -38.58 -21.46 -4.00
N GLN A 123 -39.26 -20.40 -4.45
CA GLN A 123 -39.99 -20.36 -5.72
C GLN A 123 -39.20 -19.67 -6.84
N THR A 124 -38.02 -19.13 -6.51
CA THR A 124 -37.06 -18.65 -7.51
C THR A 124 -35.63 -18.79 -6.98
N ASP A 125 -34.68 -18.79 -7.91
CA ASP A 125 -33.24 -18.75 -7.59
C ASP A 125 -32.71 -17.33 -7.52
N MET A 126 -33.17 -16.48 -8.45
CA MET A 126 -32.84 -15.06 -8.48
C MET A 126 -34.11 -14.20 -8.53
N ALA A 127 -34.09 -13.09 -7.79
CA ALA A 127 -35.12 -12.04 -7.88
C ALA A 127 -34.42 -10.75 -8.28
N VAL A 128 -35.02 -10.01 -9.22
CA VAL A 128 -34.41 -8.79 -9.78
C VAL A 128 -35.38 -7.62 -9.58
N ASN A 129 -34.89 -6.55 -8.95
CA ASN A 129 -35.64 -5.29 -8.82
C ASN A 129 -34.73 -4.11 -9.13
N TRP A 130 -34.68 -3.71 -10.41
CA TRP A 130 -33.84 -2.58 -10.83
C TRP A 130 -34.26 -1.22 -10.27
N ALA A 131 -35.54 -1.06 -9.89
CA ALA A 131 -36.01 0.15 -9.19
C ALA A 131 -35.50 0.30 -7.74
N GLY A 132 -34.97 -0.77 -7.13
CA GLY A 132 -34.46 -0.76 -5.76
C GLY A 132 -32.99 -0.41 -5.66
N GLY A 133 -32.38 -0.80 -4.53
CA GLY A 133 -31.00 -0.46 -4.19
C GLY A 133 -30.77 0.90 -3.56
N LEU A 134 -31.73 1.40 -2.78
CA LEU A 134 -31.69 2.76 -2.19
C LEU A 134 -30.88 2.75 -0.88
N HIS A 135 -29.59 2.53 -1.03
CA HIS A 135 -28.73 2.18 0.11
C HIS A 135 -28.39 3.30 1.11
N HIS A 136 -28.69 4.55 0.76
CA HIS A 136 -28.40 5.71 1.64
C HIS A 136 -29.47 6.03 2.69
N ALA A 137 -30.72 5.59 2.47
CA ALA A 137 -31.81 5.94 3.39
C ALA A 137 -31.57 5.37 4.79
N LYS A 138 -31.80 6.21 5.80
CA LYS A 138 -31.56 5.87 7.21
C LYS A 138 -32.89 5.65 7.93
N LYS A 139 -32.82 5.18 9.16
CA LYS A 139 -34.02 4.86 9.98
C LYS A 139 -35.04 6.01 10.01
N SER A 140 -34.56 7.23 10.27
CA SER A 140 -35.42 8.43 10.35
C SER A 140 -34.87 9.59 9.53
N GLU A 141 -34.33 9.30 8.33
CA GLU A 141 -33.68 10.32 7.52
C GLU A 141 -33.57 9.89 6.05
N ALA A 142 -34.00 10.77 5.14
CA ALA A 142 -33.66 10.65 3.72
C ALA A 142 -32.20 11.06 3.52
N SER A 143 -31.61 10.56 2.45
CA SER A 143 -30.21 10.89 2.13
C SER A 143 -29.85 10.47 0.70
N GLY A 144 -29.09 11.32 0.01
CA GLY A 144 -28.53 10.98 -1.31
C GLY A 144 -29.53 10.50 -2.35
N PHE A 145 -30.68 11.18 -2.40
CA PHE A 145 -31.84 10.86 -3.26
C PHE A 145 -32.73 9.69 -2.78
N CYS A 146 -32.37 9.04 -1.67
CA CYS A 146 -33.04 7.83 -1.16
C CYS A 146 -33.91 8.23 0.02
N TYR A 147 -35.16 7.73 0.05
CA TYR A 147 -36.09 8.00 1.16
C TYR A 147 -36.33 6.75 2.01
N VAL A 148 -36.63 5.61 1.38
CA VAL A 148 -36.92 4.34 2.05
C VAL A 148 -35.86 3.31 1.60
N ASN A 149 -35.14 2.78 2.57
CA ASN A 149 -34.18 1.70 2.39
C ASN A 149 -34.84 0.33 2.13
N ASP A 150 -35.19 0.10 0.87
CA ASP A 150 -35.69 -1.20 0.38
C ASP A 150 -34.76 -2.40 0.67
N ILE A 151 -33.45 -2.16 0.71
CA ILE A 151 -32.44 -3.20 0.90
C ILE A 151 -32.50 -3.74 2.32
N VAL A 152 -32.51 -2.82 3.30
CA VAL A 152 -32.61 -3.17 4.73
C VAL A 152 -33.92 -3.96 4.96
N LEU A 153 -35.01 -3.47 4.40
CA LEU A 153 -36.31 -4.16 4.47
C LEU A 153 -36.29 -5.57 3.84
N ALA A 154 -35.66 -5.69 2.66
CA ALA A 154 -35.52 -6.99 2.00
C ALA A 154 -34.63 -7.97 2.78
N ILE A 155 -33.54 -7.46 3.38
CA ILE A 155 -32.66 -8.28 4.21
C ILE A 155 -33.38 -8.76 5.48
N LEU A 156 -34.12 -7.87 6.14
CA LEU A 156 -34.97 -8.27 7.28
C LEU A 156 -35.98 -9.37 6.92
N GLU A 157 -36.52 -9.31 5.70
CA GLU A 157 -37.37 -10.38 5.16
C GLU A 157 -36.59 -11.69 4.99
N LEU A 158 -35.40 -11.63 4.38
CA LEU A 158 -34.53 -12.81 4.24
C LEU A 158 -34.11 -13.43 5.59
N LEU A 159 -33.85 -12.59 6.59
CA LEU A 159 -33.49 -13.06 7.95
C LEU A 159 -34.56 -13.90 8.67
N LYS A 160 -35.83 -13.83 8.21
CA LYS A 160 -36.86 -14.76 8.69
C LYS A 160 -36.55 -16.24 8.41
N TYR A 161 -35.90 -16.52 7.27
CA TYR A 161 -35.54 -17.88 6.84
C TYR A 161 -34.05 -18.20 6.70
N HIS A 162 -33.18 -17.18 6.80
CA HIS A 162 -31.74 -17.32 6.58
C HIS A 162 -30.97 -16.82 7.80
N GLN A 163 -30.12 -17.68 8.39
CA GLN A 163 -29.31 -17.31 9.56
C GLN A 163 -28.29 -16.21 9.22
N ARG A 164 -27.64 -16.35 8.06
CA ARG A 164 -26.61 -15.43 7.57
C ARG A 164 -26.94 -14.95 6.16
N VAL A 165 -27.00 -13.62 5.99
CA VAL A 165 -27.24 -12.97 4.69
C VAL A 165 -25.99 -12.14 4.33
N LEU A 166 -25.53 -12.26 3.09
CA LEU A 166 -24.40 -11.47 2.58
C LEU A 166 -24.92 -10.35 1.71
N TYR A 167 -24.50 -9.11 2.00
CA TYR A 167 -24.82 -7.94 1.20
C TYR A 167 -23.55 -7.47 0.49
N ILE A 168 -23.63 -7.33 -0.84
CA ILE A 168 -22.49 -6.87 -1.68
C ILE A 168 -22.96 -5.64 -2.46
N ASP A 169 -22.11 -4.61 -2.50
CA ASP A 169 -22.48 -3.28 -2.99
C ASP A 169 -21.41 -2.74 -3.96
N ILE A 170 -21.72 -2.74 -5.25
CA ILE A 170 -20.81 -2.23 -6.32
C ILE A 170 -21.17 -0.84 -6.89
N ASP A 171 -22.19 -0.19 -6.30
CA ASP A 171 -22.39 1.27 -6.42
C ASP A 171 -21.08 2.01 -6.15
N ILE A 172 -20.82 3.10 -6.86
CA ILE A 172 -19.61 3.92 -6.58
C ILE A 172 -19.57 4.50 -5.15
N HIS A 173 -20.73 4.72 -4.53
CA HIS A 173 -20.82 5.25 -3.17
C HIS A 173 -20.87 4.15 -2.14
N HIS A 174 -20.45 4.48 -0.92
CA HIS A 174 -20.51 3.57 0.22
C HIS A 174 -21.97 3.26 0.58
N GLY A 175 -22.28 1.98 0.79
CA GLY A 175 -23.61 1.55 1.23
C GLY A 175 -23.84 1.80 2.72
N ASP A 176 -23.92 3.07 3.09
CA ASP A 176 -23.87 3.51 4.49
C ASP A 176 -25.14 3.19 5.29
N GLY A 177 -26.32 3.35 4.67
CA GLY A 177 -27.58 3.01 5.33
C GLY A 177 -27.71 1.53 5.64
N VAL A 178 -27.22 0.68 4.73
CA VAL A 178 -27.27 -0.78 4.89
C VAL A 178 -26.26 -1.21 5.95
N GLU A 179 -25.03 -0.71 5.84
CA GLU A 179 -23.98 -0.96 6.83
C GLU A 179 -24.40 -0.55 8.25
N GLU A 180 -24.99 0.64 8.39
CA GLU A 180 -25.41 1.17 9.70
C GLU A 180 -26.50 0.33 10.35
N ALA A 181 -27.51 -0.06 9.57
CA ALA A 181 -28.60 -0.93 10.06
C ALA A 181 -28.11 -2.25 10.68
N PHE A 182 -27.09 -2.85 10.07
CA PHE A 182 -26.55 -4.15 10.49
C PHE A 182 -25.13 -4.10 11.08
N TYR A 183 -24.70 -2.92 11.54
CA TYR A 183 -23.31 -2.72 12.00
C TYR A 183 -22.94 -3.54 13.24
N THR A 184 -23.94 -3.81 14.10
CA THR A 184 -23.76 -4.53 15.36
C THR A 184 -24.28 -5.97 15.36
N THR A 185 -24.47 -6.58 14.18
CA THR A 185 -24.89 -7.99 14.07
C THR A 185 -23.98 -8.80 13.14
N ASP A 186 -23.76 -10.06 13.50
CA ASP A 186 -23.09 -11.06 12.64
C ASP A 186 -24.05 -11.78 11.67
N ARG A 187 -25.36 -11.54 11.78
CA ARG A 187 -26.35 -12.14 10.87
C ARG A 187 -26.43 -11.51 9.48
N VAL A 188 -25.86 -10.31 9.31
CA VAL A 188 -25.66 -9.71 7.99
C VAL A 188 -24.20 -9.27 7.87
N MET A 189 -23.49 -9.77 6.85
CA MET A 189 -22.18 -9.24 6.46
C MET A 189 -22.40 -8.27 5.30
N THR A 190 -21.94 -7.03 5.46
CA THR A 190 -22.02 -5.99 4.42
C THR A 190 -20.62 -5.78 3.81
N VAL A 191 -20.55 -5.84 2.47
CA VAL A 191 -19.29 -5.71 1.71
C VAL A 191 -19.50 -4.61 0.67
N SER A 192 -18.85 -3.45 0.87
CA SER A 192 -18.98 -2.30 -0.03
C SER A 192 -17.64 -1.97 -0.70
N PHE A 193 -17.68 -1.82 -2.01
CA PHE A 193 -16.58 -1.30 -2.82
C PHE A 193 -17.03 0.09 -3.26
N HIS A 194 -16.20 1.10 -3.07
CA HIS A 194 -16.63 2.49 -3.32
C HIS A 194 -15.46 3.47 -3.40
N LYS A 195 -15.72 4.59 -4.08
CA LYS A 195 -14.84 5.76 -4.05
C LYS A 195 -14.82 6.30 -2.62
N TYR A 196 -13.62 6.57 -2.09
CA TYR A 196 -13.45 7.07 -0.73
C TYR A 196 -12.40 8.19 -0.71
N GLY A 197 -12.70 9.26 0.04
CA GLY A 197 -11.83 10.42 0.21
C GLY A 197 -12.48 11.65 -0.41
N GLU A 198 -12.94 12.57 0.43
CA GLU A 198 -13.63 13.82 0.01
C GLU A 198 -14.80 13.53 -0.96
N TYR A 199 -15.64 12.57 -0.54
CA TYR A 199 -16.69 12.02 -1.39
C TYR A 199 -17.87 11.54 -0.57
N PHE A 200 -19.07 11.70 -1.13
CA PHE A 200 -20.31 11.31 -0.47
C PHE A 200 -20.34 9.78 -0.27
N PRO A 201 -20.85 9.29 0.87
CA PRO A 201 -21.36 9.95 2.08
C PRO A 201 -20.31 10.29 3.16
N GLY A 202 -19.01 10.06 2.89
CA GLY A 202 -17.93 10.32 3.83
C GLY A 202 -17.54 9.16 4.74
N THR A 203 -18.24 8.03 4.64
CA THR A 203 -18.02 6.82 5.47
C THR A 203 -17.47 5.68 4.60
N GLY A 204 -17.21 4.54 5.23
CA GLY A 204 -16.69 3.36 4.54
C GLY A 204 -15.18 3.35 4.44
N ASP A 205 -14.51 3.79 5.51
CA ASP A 205 -13.06 3.65 5.66
C ASP A 205 -12.74 2.15 5.77
N LEU A 206 -11.56 1.76 5.27
CA LEU A 206 -10.96 0.43 5.48
C LEU A 206 -11.06 -0.07 6.94
N ARG A 207 -10.83 0.85 7.88
CA ARG A 207 -10.85 0.55 9.32
C ARG A 207 -12.24 0.47 9.99
N ASP A 208 -13.31 0.78 9.24
CA ASP A 208 -14.69 0.56 9.71
C ASP A 208 -15.03 -0.91 9.45
N ILE A 209 -14.98 -1.72 10.52
CA ILE A 209 -15.09 -3.20 10.43
C ILE A 209 -16.30 -3.82 11.19
N GLY A 210 -17.18 -2.97 11.71
CA GLY A 210 -18.30 -3.38 12.59
C GLY A 210 -17.99 -3.15 14.06
N ALA A 211 -18.98 -3.43 14.90
CA ALA A 211 -18.88 -3.26 16.36
C ALA A 211 -19.71 -4.31 17.10
N GLY A 212 -19.30 -4.63 18.34
CA GLY A 212 -19.97 -5.64 19.17
C GLY A 212 -19.97 -7.01 18.51
N LYS A 213 -21.12 -7.68 18.51
CA LYS A 213 -21.33 -8.93 17.74
C LYS A 213 -21.04 -8.78 16.23
N GLY A 214 -21.23 -7.58 15.69
CA GLY A 214 -20.91 -7.27 14.31
C GLY A 214 -19.45 -6.99 13.97
N LYS A 215 -18.53 -7.03 14.94
CA LYS A 215 -17.10 -6.77 14.65
C LYS A 215 -16.54 -7.83 13.68
N TYR A 216 -15.91 -7.36 12.61
CA TYR A 216 -15.46 -8.14 11.43
C TYR A 216 -16.54 -8.54 10.41
N TYR A 217 -17.79 -8.09 10.60
CA TYR A 217 -18.89 -8.35 9.65
C TYR A 217 -19.31 -7.10 8.84
N ALA A 218 -18.46 -6.07 8.82
CA ALA A 218 -18.55 -4.98 7.83
C ALA A 218 -17.20 -4.93 7.10
N VAL A 219 -17.24 -4.91 5.77
CA VAL A 219 -16.06 -4.93 4.92
C VAL A 219 -16.17 -3.74 3.98
N ASN A 220 -15.12 -2.92 3.94
CA ASN A 220 -15.07 -1.72 3.09
C ASN A 220 -13.79 -1.70 2.28
N PHE A 221 -13.92 -1.63 0.95
CA PHE A 221 -12.80 -1.50 0.03
C PHE A 221 -12.82 -0.06 -0.51
N PRO A 222 -12.01 0.85 0.09
CA PRO A 222 -11.97 2.22 -0.43
C PRO A 222 -11.11 2.31 -1.70
N MET A 223 -11.61 3.07 -2.69
CA MET A 223 -10.98 3.22 -4.01
C MET A 223 -10.82 4.69 -4.37
N ARG A 224 -9.90 4.96 -5.30
CA ARG A 224 -9.66 6.29 -5.88
C ARG A 224 -10.35 6.42 -7.23
N ASP A 225 -10.28 7.64 -7.79
CA ASP A 225 -10.81 7.93 -9.13
C ASP A 225 -10.28 6.99 -10.21
N GLY A 226 -11.14 6.68 -11.18
CA GLY A 226 -10.72 6.07 -12.43
C GLY A 226 -10.41 4.59 -12.42
N ILE A 227 -10.98 3.83 -11.47
CA ILE A 227 -10.81 2.37 -11.47
C ILE A 227 -11.39 1.76 -12.75
N ASP A 228 -10.70 0.77 -13.29
CA ASP A 228 -11.03 0.14 -14.58
C ASP A 228 -11.36 -1.34 -14.36
N ASP A 229 -11.81 -2.00 -15.44
CA ASP A 229 -12.20 -3.42 -15.41
C ASP A 229 -11.11 -4.34 -14.86
N GLU A 230 -9.87 -4.12 -15.32
CA GLU A 230 -8.70 -4.90 -14.88
C GLU A 230 -8.45 -4.79 -13.38
N SER A 231 -8.45 -3.56 -12.88
CA SER A 231 -8.24 -3.29 -11.43
C SER A 231 -9.36 -3.83 -10.55
N TYR A 232 -10.62 -3.69 -11.00
CA TYR A 232 -11.79 -4.19 -10.26
C TYR A 232 -11.81 -5.72 -10.23
N GLY A 233 -11.58 -6.32 -11.41
CA GLY A 233 -11.42 -7.77 -11.56
C GLY A 233 -10.23 -8.37 -10.81
N GLN A 234 -9.17 -7.58 -10.64
CA GLN A 234 -8.02 -7.90 -9.75
C GLN A 234 -8.46 -8.36 -8.34
N ILE A 235 -9.44 -7.66 -7.76
CA ILE A 235 -9.83 -7.82 -6.34
C ILE A 235 -11.21 -8.39 -6.05
N PHE A 236 -12.18 -8.29 -6.98
CA PHE A 236 -13.57 -8.62 -6.67
C PHE A 236 -13.75 -10.11 -6.36
N LYS A 237 -13.36 -10.98 -7.30
CA LYS A 237 -13.50 -12.43 -7.11
C LYS A 237 -12.72 -12.98 -5.90
N PRO A 238 -11.45 -12.56 -5.71
CA PRO A 238 -10.72 -12.93 -4.47
C PRO A 238 -11.40 -12.56 -3.15
N ILE A 239 -11.89 -11.31 -3.05
CA ILE A 239 -12.57 -10.82 -1.85
C ILE A 239 -13.88 -11.61 -1.61
N ILE A 240 -14.72 -11.71 -2.65
CA ILE A 240 -16.01 -12.41 -2.52
C ILE A 240 -15.82 -13.90 -2.26
N SER A 241 -14.86 -14.55 -2.93
CA SER A 241 -14.51 -15.96 -2.64
C SER A 241 -14.10 -16.20 -1.19
N LYS A 242 -13.26 -15.30 -0.65
CA LYS A 242 -12.85 -15.37 0.76
C LYS A 242 -14.01 -15.13 1.72
N VAL A 243 -14.86 -14.15 1.42
CA VAL A 243 -16.07 -13.87 2.20
C VAL A 243 -17.02 -15.08 2.21
N MET A 244 -17.25 -15.67 1.04
CA MET A 244 -18.06 -16.90 0.92
C MET A 244 -17.51 -18.07 1.74
N GLU A 245 -16.18 -18.25 1.69
CA GLU A 245 -15.47 -19.29 2.46
C GLU A 245 -15.63 -19.11 3.98
N MET A 246 -15.37 -17.89 4.46
CA MET A 246 -15.37 -17.60 5.90
C MET A 246 -16.77 -17.41 6.48
N TYR A 247 -17.62 -16.65 5.79
CA TYR A 247 -18.96 -16.29 6.30
C TYR A 247 -20.03 -17.36 6.03
N GLN A 248 -19.95 -18.03 4.88
CA GLN A 248 -20.88 -19.11 4.49
C GLN A 248 -22.37 -18.69 4.57
N PRO A 249 -22.74 -17.61 3.82
CA PRO A 249 -24.13 -17.15 3.84
C PRO A 249 -25.07 -18.14 3.14
N SER A 250 -26.34 -18.12 3.50
CA SER A 250 -27.37 -18.89 2.80
C SER A 250 -28.21 -18.06 1.83
N ALA A 251 -28.08 -16.72 1.86
CA ALA A 251 -28.67 -15.84 0.85
C ALA A 251 -27.77 -14.63 0.60
N VAL A 252 -27.90 -14.05 -0.60
CA VAL A 252 -27.08 -12.92 -1.05
C VAL A 252 -27.97 -11.80 -1.60
N VAL A 253 -27.62 -10.55 -1.26
CA VAL A 253 -28.22 -9.36 -1.87
C VAL A 253 -27.09 -8.60 -2.57
N LEU A 254 -27.23 -8.39 -3.89
CA LEU A 254 -26.25 -7.66 -4.69
C LEU A 254 -26.87 -6.36 -5.17
N GLN A 255 -26.32 -5.24 -4.69
CA GLN A 255 -26.70 -3.89 -5.15
C GLN A 255 -25.80 -3.60 -6.34
N CYS A 256 -26.40 -3.36 -7.51
CA CYS A 256 -25.69 -3.18 -8.79
C CYS A 256 -25.70 -1.74 -9.28
N GLY A 257 -25.46 -0.79 -8.38
CA GLY A 257 -25.45 0.64 -8.71
C GLY A 257 -24.58 0.93 -9.92
N ALA A 258 -25.18 1.54 -10.94
CA ALA A 258 -24.52 1.79 -12.23
C ALA A 258 -23.76 3.13 -12.31
N ASP A 259 -23.72 3.88 -11.20
CA ASP A 259 -22.88 5.10 -11.10
C ASP A 259 -21.37 4.83 -10.98
N SER A 260 -20.98 3.55 -10.84
CA SER A 260 -19.59 3.10 -11.03
C SER A 260 -19.14 2.89 -12.49
N LEU A 261 -20.02 3.10 -13.48
CA LEU A 261 -19.66 3.00 -14.90
C LEU A 261 -18.92 4.23 -15.41
N SER A 262 -18.01 4.00 -16.36
CA SER A 262 -17.36 5.03 -17.17
C SER A 262 -18.38 6.00 -17.78
N GLY A 263 -18.09 7.29 -17.71
CA GLY A 263 -18.95 8.33 -18.27
C GLY A 263 -20.19 8.70 -17.48
N ASP A 264 -20.32 8.23 -16.23
CA ASP A 264 -21.45 8.61 -15.38
C ASP A 264 -21.37 10.12 -15.07
N ARG A 265 -22.51 10.80 -15.14
CA ARG A 265 -22.59 12.26 -14.90
C ARG A 265 -22.05 12.71 -13.53
N LEU A 266 -22.30 11.90 -12.50
CA LEU A 266 -21.87 12.17 -11.12
C LEU A 266 -20.63 11.39 -10.67
N GLY A 267 -20.45 10.17 -11.19
CA GLY A 267 -19.33 9.29 -10.80
C GLY A 267 -18.01 9.61 -11.48
N CYS A 268 -16.94 9.11 -10.86
CA CYS A 268 -15.56 9.23 -11.35
C CYS A 268 -14.83 7.87 -11.50
N PHE A 269 -15.57 6.78 -11.75
CA PHE A 269 -14.98 5.45 -12.05
C PHE A 269 -14.95 5.24 -13.56
N ASN A 270 -14.28 4.18 -14.00
CA ASN A 270 -14.08 3.90 -15.44
C ASN A 270 -14.39 2.44 -15.82
N LEU A 271 -15.42 1.85 -15.19
CA LEU A 271 -15.84 0.49 -15.52
C LEU A 271 -16.69 0.47 -16.78
N THR A 272 -16.53 -0.58 -17.60
CA THR A 272 -17.46 -0.88 -18.69
C THR A 272 -18.62 -1.71 -18.14
N VAL A 273 -19.63 -1.92 -18.99
CA VAL A 273 -20.75 -2.81 -18.68
C VAL A 273 -20.27 -4.25 -18.44
N LYS A 274 -19.33 -4.73 -19.25
CA LYS A 274 -18.74 -6.07 -19.06
C LYS A 274 -18.00 -6.22 -17.72
N GLY A 275 -17.21 -5.20 -17.35
CA GLY A 275 -16.52 -5.19 -16.05
C GLY A 275 -17.45 -5.13 -14.86
N HIS A 276 -18.50 -4.30 -14.98
CA HIS A 276 -19.55 -4.19 -13.96
C HIS A 276 -20.29 -5.54 -13.83
N ALA A 277 -20.68 -6.11 -14.97
CA ALA A 277 -21.42 -7.38 -15.01
C ALA A 277 -20.62 -8.61 -14.62
N LYS A 278 -19.29 -8.57 -14.75
CA LYS A 278 -18.41 -9.63 -14.18
C LYS A 278 -18.67 -9.88 -12.68
N CYS A 279 -19.04 -8.82 -11.94
CA CYS A 279 -19.45 -8.96 -10.54
C CYS A 279 -20.70 -9.81 -10.34
N VAL A 280 -21.68 -9.64 -11.22
CA VAL A 280 -22.91 -10.47 -11.24
C VAL A 280 -22.54 -11.93 -11.54
N GLU A 281 -21.68 -12.15 -12.53
CA GLU A 281 -21.18 -13.49 -12.90
C GLU A 281 -20.49 -14.19 -11.72
N VAL A 282 -19.62 -13.45 -11.03
CA VAL A 282 -18.88 -13.96 -9.85
C VAL A 282 -19.83 -14.41 -8.72
N VAL A 283 -20.78 -13.54 -8.37
CA VAL A 283 -21.75 -13.82 -7.29
C VAL A 283 -22.67 -14.99 -7.66
N LYS A 284 -23.15 -15.00 -8.91
CA LYS A 284 -24.05 -16.06 -9.42
C LYS A 284 -23.43 -17.48 -9.43
N THR A 285 -22.11 -17.60 -9.56
CA THR A 285 -21.44 -18.93 -9.55
C THR A 285 -21.54 -19.69 -8.22
N PHE A 286 -21.70 -18.98 -7.11
CA PHE A 286 -21.87 -19.61 -5.79
C PHE A 286 -23.21 -20.33 -5.57
N ASN A 287 -24.19 -20.14 -6.45
CA ASN A 287 -25.46 -20.89 -6.46
C ASN A 287 -26.27 -20.75 -5.16
N LEU A 288 -26.30 -19.52 -4.64
CA LEU A 288 -27.10 -19.17 -3.46
C LEU A 288 -28.30 -18.33 -3.93
N PRO A 289 -29.42 -18.36 -3.17
CA PRO A 289 -30.55 -17.43 -3.39
C PRO A 289 -30.04 -15.99 -3.46
N LEU A 290 -30.37 -15.29 -4.55
CA LEU A 290 -29.76 -14.01 -4.89
C LEU A 290 -30.84 -12.97 -5.21
N LEU A 291 -30.83 -11.84 -4.49
CA LEU A 291 -31.64 -10.68 -4.80
C LEU A 291 -30.74 -9.65 -5.48
N MET A 292 -31.02 -9.33 -6.74
CA MET A 292 -30.27 -8.32 -7.50
C MET A 292 -31.06 -7.02 -7.55
N LEU A 293 -30.42 -5.93 -7.13
CA LEU A 293 -31.05 -4.62 -7.03
C LEU A 293 -30.28 -3.59 -7.85
N GLY A 294 -30.97 -2.48 -8.16
CA GLY A 294 -30.36 -1.36 -8.88
C GLY A 294 -29.57 -0.49 -7.93
N GLY A 295 -29.64 0.82 -8.13
CA GLY A 295 -28.86 1.78 -7.35
C GLY A 295 -28.70 3.08 -8.10
N GLY A 296 -27.56 3.73 -7.91
CA GLY A 296 -27.26 4.94 -8.65
C GLY A 296 -27.03 4.70 -10.13
N GLY A 297 -26.96 5.78 -10.88
CA GLY A 297 -26.64 5.77 -12.30
C GLY A 297 -27.31 6.96 -12.95
N TYR A 298 -26.50 7.84 -13.52
CA TYR A 298 -26.92 9.19 -13.96
C TYR A 298 -26.65 9.52 -15.44
N THR A 299 -25.94 8.65 -16.18
CA THR A 299 -25.90 8.69 -17.65
C THR A 299 -26.83 7.55 -18.09
N ILE A 300 -28.09 7.91 -18.32
CA ILE A 300 -29.17 6.91 -18.29
C ILE A 300 -29.15 5.89 -19.44
N ARG A 301 -28.61 6.27 -20.59
CA ARG A 301 -28.31 5.31 -21.68
C ARG A 301 -27.42 4.14 -21.22
N ASN A 302 -26.40 4.44 -20.42
CA ASN A 302 -25.50 3.40 -19.88
C ASN A 302 -26.11 2.59 -18.75
N VAL A 303 -26.99 3.21 -17.96
CA VAL A 303 -27.77 2.51 -16.92
C VAL A 303 -28.64 1.42 -17.57
N ALA A 304 -29.37 1.79 -18.62
CA ALA A 304 -30.20 0.88 -19.40
C ALA A 304 -29.41 -0.29 -20.00
N ARG A 305 -28.26 0.03 -20.60
CA ARG A 305 -27.32 -0.99 -21.11
C ARG A 305 -26.85 -1.96 -20.05
N CYS A 306 -26.40 -1.40 -18.93
CA CYS A 306 -25.79 -2.17 -17.83
C CYS A 306 -26.78 -3.17 -17.24
N TRP A 307 -27.95 -2.69 -16.86
CA TRP A 307 -28.97 -3.55 -16.23
C TRP A 307 -29.67 -4.51 -17.21
N THR A 308 -29.75 -4.15 -18.49
CA THR A 308 -30.17 -5.08 -19.55
C THR A 308 -29.17 -6.24 -19.66
N TYR A 309 -27.89 -5.91 -19.78
CA TYR A 309 -26.83 -6.93 -19.85
C TYR A 309 -26.77 -7.83 -18.61
N GLU A 310 -26.92 -7.23 -17.43
CA GLU A 310 -26.90 -7.99 -16.16
C GLU A 310 -28.13 -8.88 -15.95
N THR A 311 -29.27 -8.50 -16.52
CA THR A 311 -30.44 -9.39 -16.62
C THR A 311 -30.12 -10.59 -17.54
N ALA A 312 -29.49 -10.32 -18.68
CA ALA A 312 -29.02 -11.37 -19.60
C ALA A 312 -28.01 -12.32 -18.93
N VAL A 313 -27.09 -11.75 -18.13
CA VAL A 313 -26.13 -12.55 -17.34
C VAL A 313 -26.84 -13.44 -16.32
N ALA A 314 -27.80 -12.88 -15.58
CA ALA A 314 -28.62 -13.65 -14.63
C ALA A 314 -29.35 -14.84 -15.28
N LEU A 315 -29.81 -14.64 -16.51
CA LEU A 315 -30.47 -15.68 -17.33
C LEU A 315 -29.54 -16.67 -18.10
N ASP A 316 -28.22 -16.45 -18.06
CA ASP A 316 -27.24 -17.14 -18.92
C ASP A 316 -27.60 -17.09 -20.42
N CYS A 317 -28.04 -15.91 -20.86
CA CYS A 317 -28.51 -15.66 -22.21
C CYS A 317 -27.52 -14.71 -22.85
N GLU A 318 -26.85 -15.17 -23.91
CA GLU A 318 -26.04 -14.29 -24.76
C GLU A 318 -26.99 -13.38 -25.55
N ILE A 319 -26.67 -12.09 -25.60
CA ILE A 319 -27.42 -11.13 -26.42
C ILE A 319 -26.45 -10.35 -27.33
N PRO A 320 -26.90 -9.99 -28.54
CA PRO A 320 -26.00 -9.30 -29.49
C PRO A 320 -25.64 -7.88 -29.05
N ASN A 321 -24.45 -7.44 -29.48
CA ASN A 321 -23.96 -6.10 -29.21
C ASN A 321 -24.77 -5.04 -29.98
N GLU A 322 -25.22 -5.37 -31.20
CA GLU A 322 -26.14 -4.51 -31.98
C GLU A 322 -27.46 -4.38 -31.20
N LEU A 323 -27.82 -3.14 -30.82
CA LEU A 323 -29.04 -2.91 -30.05
C LEU A 323 -30.27 -3.13 -30.93
N PRO A 324 -31.31 -3.82 -30.39
CA PRO A 324 -32.56 -3.91 -31.12
C PRO A 324 -33.27 -2.57 -31.09
N TYR A 325 -34.17 -2.35 -32.06
CA TYR A 325 -35.02 -1.17 -32.03
C TYR A 325 -35.86 -1.18 -30.74
N ASN A 326 -36.08 0.01 -30.20
CA ASN A 326 -36.81 0.20 -28.95
C ASN A 326 -37.38 1.62 -28.89
N ASP A 327 -38.21 1.88 -27.87
CA ASP A 327 -38.86 3.21 -27.69
C ASP A 327 -37.90 4.37 -27.41
N TYR A 328 -36.67 4.06 -26.96
CA TYR A 328 -35.65 5.05 -26.60
C TYR A 328 -34.36 4.88 -27.42
N PHE A 329 -34.50 4.36 -28.65
CA PHE A 329 -33.37 4.03 -29.54
C PHE A 329 -32.39 5.20 -29.74
N GLU A 330 -32.94 6.41 -29.94
CA GLU A 330 -32.15 7.66 -30.05
C GLU A 330 -31.22 7.99 -28.86
N TYR A 331 -31.56 7.50 -27.65
CA TYR A 331 -30.72 7.70 -26.45
C TYR A 331 -29.37 6.97 -26.56
N PHE A 332 -29.31 5.90 -27.36
CA PHE A 332 -28.13 5.05 -27.50
C PHE A 332 -27.21 5.39 -28.67
N GLY A 333 -27.45 6.53 -29.34
CA GLY A 333 -26.52 7.05 -30.33
C GLY A 333 -25.24 7.59 -29.69
N PRO A 334 -24.20 7.83 -30.50
CA PRO A 334 -24.13 7.66 -31.96
C PRO A 334 -23.83 6.22 -32.46
N ASP A 335 -23.56 5.28 -31.55
CA ASP A 335 -23.11 3.91 -31.88
C ASP A 335 -24.25 2.88 -31.99
N PHE A 336 -25.26 3.01 -31.13
CA PHE A 336 -26.39 2.05 -31.01
C PHE A 336 -25.93 0.62 -30.72
N LYS A 337 -24.93 0.51 -29.82
CA LYS A 337 -24.40 -0.75 -29.31
C LYS A 337 -24.70 -0.88 -27.83
N LEU A 338 -24.70 -2.13 -27.37
CA LEU A 338 -24.92 -2.45 -25.96
C LEU A 338 -23.72 -2.09 -25.10
N HIS A 339 -22.53 -2.48 -25.56
CA HIS A 339 -21.31 -2.33 -24.75
C HIS A 339 -20.63 -0.99 -24.98
N ILE A 340 -19.95 -0.52 -23.94
CA ILE A 340 -19.33 0.81 -23.90
C ILE A 340 -17.81 0.70 -23.79
N SER A 341 -17.12 1.72 -24.28
CA SER A 341 -15.66 1.82 -24.17
C SER A 341 -15.32 2.60 -22.89
N PRO A 342 -14.20 2.26 -22.22
CA PRO A 342 -13.72 3.12 -21.13
C PRO A 342 -13.14 4.42 -21.68
N SER A 343 -13.11 5.46 -20.82
CA SER A 343 -12.46 6.73 -21.15
C SER A 343 -10.95 6.62 -20.98
N ASN A 344 -10.25 7.70 -21.40
CA ASN A 344 -8.80 7.85 -21.18
C ASN A 344 -8.42 8.47 -19.82
N MET A 345 -9.35 8.55 -18.85
CA MET A 345 -9.05 9.09 -17.52
C MET A 345 -8.02 8.23 -16.80
N THR A 346 -7.20 8.88 -15.97
CA THR A 346 -6.13 8.20 -15.24
C THR A 346 -6.74 7.33 -14.14
N ASN A 347 -6.28 6.09 -14.06
CA ASN A 347 -6.58 5.21 -12.94
C ASN A 347 -5.62 5.57 -11.82
N GLN A 348 -6.15 6.23 -10.78
CA GLN A 348 -5.39 6.56 -9.57
C GLN A 348 -5.19 5.36 -8.62
N ASN A 349 -5.89 4.26 -8.87
CA ASN A 349 -5.69 3.00 -8.13
C ASN A 349 -4.57 2.23 -8.80
N THR A 350 -3.40 2.23 -8.18
CA THR A 350 -2.26 1.44 -8.67
C THR A 350 -2.53 -0.04 -8.39
N PRO A 351 -1.92 -0.95 -9.18
CA PRO A 351 -1.97 -2.40 -8.84
C PRO A 351 -1.48 -2.76 -7.42
N GLU A 352 -0.50 -2.02 -6.91
CA GLU A 352 0.06 -2.23 -5.56
C GLU A 352 -0.94 -1.81 -4.49
N TYR A 353 -1.61 -0.68 -4.70
CA TYR A 353 -2.71 -0.21 -3.83
C TYR A 353 -3.81 -1.27 -3.73
N MET A 354 -4.26 -1.78 -4.88
CA MET A 354 -5.35 -2.77 -4.92
C MET A 354 -5.00 -4.05 -4.14
N GLU A 355 -3.78 -4.57 -4.35
CA GLU A 355 -3.31 -5.74 -3.60
C GLU A 355 -3.13 -5.49 -2.11
N LYS A 356 -2.63 -4.30 -1.75
CA LYS A 356 -2.43 -3.94 -0.34
C LYS A 356 -3.74 -3.85 0.44
N ILE A 357 -4.74 -3.19 -0.13
CA ILE A 357 -6.06 -3.07 0.51
C ILE A 357 -6.71 -4.46 0.64
N LYS A 358 -6.63 -5.27 -0.44
CA LYS A 358 -7.10 -6.68 -0.43
C LYS A 358 -6.45 -7.51 0.69
N GLN A 359 -5.14 -7.39 0.83
CA GLN A 359 -4.39 -8.11 1.87
C GLN A 359 -4.80 -7.68 3.30
N ARG A 360 -5.07 -6.39 3.52
CA ARG A 360 -5.59 -5.91 4.81
C ARG A 360 -7.00 -6.39 5.13
N LEU A 361 -7.86 -6.46 4.11
CA LEU A 361 -9.20 -7.06 4.27
C LEU A 361 -9.12 -8.56 4.54
N PHE A 362 -8.18 -9.27 3.89
CA PHE A 362 -7.90 -10.69 4.19
C PHE A 362 -7.51 -10.94 5.64
N GLU A 363 -6.69 -10.04 6.23
CA GLU A 363 -6.36 -10.11 7.69
C GLU A 363 -7.60 -10.08 8.58
N ASN A 364 -8.54 -9.18 8.25
CA ASN A 364 -9.79 -9.04 8.99
C ASN A 364 -10.70 -10.27 8.83
N LEU A 365 -10.77 -10.81 7.61
CA LEU A 365 -11.55 -12.05 7.36
C LEU A 365 -11.01 -13.31 8.06
N ARG A 366 -9.72 -13.34 8.39
CA ARG A 366 -9.16 -14.38 9.29
C ARG A 366 -9.74 -14.39 10.73
N MET A 367 -10.29 -13.25 11.17
CA MET A 367 -10.90 -13.12 12.51
C MET A 367 -12.33 -13.67 12.65
N LEU A 368 -12.97 -14.07 11.54
CA LEU A 368 -14.24 -14.85 11.61
C LEU A 368 -14.00 -16.24 12.23
N PRO A 369 -15.02 -16.81 12.91
CA PRO A 369 -14.85 -18.10 13.62
C PRO A 369 -14.83 -19.30 12.68
N LYS B 4 7.68 16.73 27.53
CA LYS B 4 7.96 18.11 27.03
C LYS B 4 7.07 18.48 25.84
N LYS B 5 6.63 19.75 25.81
CA LYS B 5 5.48 20.17 25.00
C LYS B 5 5.87 20.50 23.55
N VAL B 6 5.06 20.01 22.59
CA VAL B 6 5.24 20.27 21.16
C VAL B 6 3.99 20.94 20.62
N CYS B 7 4.15 22.06 19.93
N CYS B 7 4.19 22.06 19.91
CA CYS B 7 3.07 22.64 19.13
CA CYS B 7 3.13 22.75 19.17
C CYS B 7 3.44 22.62 17.67
C CYS B 7 3.44 22.63 17.67
N TYR B 8 2.40 22.67 16.85
CA TYR B 8 2.51 22.37 15.41
C TYR B 8 1.54 23.26 14.66
N TYR B 9 2.01 23.86 13.57
CA TYR B 9 1.25 24.81 12.77
C TYR B 9 0.90 24.23 11.42
N TYR B 10 -0.38 24.33 11.04
CA TYR B 10 -0.87 23.85 9.75
C TYR B 10 -2.14 24.58 9.37
N ASP B 11 -2.20 25.09 8.14
CA ASP B 11 -3.45 25.61 7.56
C ASP B 11 -3.92 24.62 6.49
N GLY B 12 -5.20 24.23 6.56
CA GLY B 12 -5.82 23.32 5.60
C GLY B 12 -5.86 23.72 4.14
N ASP B 13 -5.65 25.02 3.83
CA ASP B 13 -5.50 25.49 2.44
C ASP B 13 -4.09 25.48 1.89
N ILE B 14 -3.06 25.19 2.71
CA ILE B 14 -1.65 25.24 2.26
C ILE B 14 -1.37 24.35 1.04
N GLY B 15 -2.01 23.17 1.01
CA GLY B 15 -1.92 22.25 -0.13
C GLY B 15 -2.60 22.65 -1.43
N ASN B 16 -3.46 23.68 -1.41
CA ASN B 16 -4.18 24.17 -2.60
C ASN B 16 -3.46 25.24 -3.43
N TYR B 17 -2.35 25.79 -2.92
CA TYR B 17 -1.55 26.77 -3.65
C TYR B 17 -0.68 26.01 -4.63
N TYR B 18 -0.68 26.45 -5.89
CA TYR B 18 -0.12 25.68 -7.01
C TYR B 18 0.87 26.54 -7.78
N TYR B 19 2.12 26.09 -7.84
CA TYR B 19 3.18 26.83 -8.57
C TYR B 19 3.03 26.82 -10.10
N GLY B 20 2.28 25.87 -10.65
CA GLY B 20 2.03 25.76 -12.10
C GLY B 20 2.53 24.43 -12.63
N GLN B 21 2.01 24.05 -13.81
CA GLN B 21 2.31 22.74 -14.42
C GLN B 21 3.83 22.56 -14.63
N GLY B 22 4.33 21.40 -14.20
CA GLY B 22 5.75 21.06 -14.30
C GLY B 22 6.68 21.61 -13.22
N HIS B 23 6.20 22.50 -12.33
CA HIS B 23 7.06 23.12 -11.33
C HIS B 23 7.26 22.11 -10.17
N PRO B 24 8.53 21.83 -9.78
CA PRO B 24 8.74 20.75 -8.79
C PRO B 24 8.29 21.03 -7.35
N MET B 25 8.24 22.29 -6.91
CA MET B 25 7.61 22.65 -5.62
C MET B 25 6.10 22.38 -5.60
N LYS B 26 5.70 21.44 -4.75
CA LYS B 26 4.31 20.99 -4.62
C LYS B 26 3.86 21.21 -3.16
N PRO B 27 3.19 22.35 -2.87
CA PRO B 27 2.65 22.56 -1.49
C PRO B 27 1.72 21.44 -0.97
N HIS B 28 1.11 20.67 -1.87
CA HIS B 28 0.44 19.39 -1.57
C HIS B 28 1.20 18.45 -0.63
N ARG B 29 2.54 18.41 -0.73
CA ARG B 29 3.38 17.61 0.19
C ARG B 29 3.15 17.91 1.70
N ILE B 30 2.80 19.16 2.02
CA ILE B 30 2.52 19.59 3.40
C ILE B 30 1.21 18.96 3.89
N ARG B 31 0.18 18.97 3.02
CA ARG B 31 -1.08 18.26 3.28
C ARG B 31 -0.90 16.74 3.44
N MET B 32 -0.08 16.14 2.57
CA MET B 32 0.26 14.71 2.69
C MET B 32 0.92 14.39 4.03
N THR B 33 1.89 15.22 4.42
CA THR B 33 2.53 15.12 5.74
C THR B 33 1.51 15.17 6.86
N HIS B 34 0.65 16.19 6.82
CA HIS B 34 -0.39 16.39 7.82
C HIS B 34 -1.34 15.20 7.93
N ASN B 35 -1.84 14.74 6.78
CA ASN B 35 -2.77 13.61 6.75
C ASN B 35 -2.15 12.31 7.26
N LEU B 36 -0.87 12.08 6.94
CA LEU B 36 -0.17 10.88 7.41
C LEU B 36 0.01 10.88 8.94
N LEU B 37 0.49 12.00 9.49
CA LEU B 37 0.66 12.10 10.95
C LEU B 37 -0.66 12.10 11.74
N LEU B 38 -1.75 12.64 11.15
CA LEU B 38 -3.10 12.48 11.71
C LEU B 38 -3.52 11.00 11.79
N ASN B 39 -3.28 10.25 10.72
CA ASN B 39 -3.63 8.82 10.68
C ASN B 39 -2.73 7.92 11.53
N TYR B 40 -1.51 8.38 11.83
CA TYR B 40 -0.69 7.75 12.88
C TYR B 40 -1.17 8.03 14.32
N GLY B 41 -2.04 9.01 14.51
CA GLY B 41 -2.58 9.39 15.82
C GLY B 41 -1.74 10.40 16.57
N LEU B 42 -0.77 11.04 15.90
CA LEU B 42 0.16 11.97 16.57
C LEU B 42 -0.47 13.29 17.03
N TYR B 43 -1.64 13.66 16.47
CA TYR B 43 -2.48 14.76 16.99
C TYR B 43 -2.86 14.65 18.48
N ARG B 44 -2.99 13.42 19.00
CA ARG B 44 -3.29 13.17 20.41
C ARG B 44 -2.23 13.71 21.39
N LYS B 45 -0.97 13.79 20.95
CA LYS B 45 0.18 14.16 21.76
C LYS B 45 0.71 15.60 21.58
N MET B 46 0.13 16.40 20.65
CA MET B 46 0.59 17.79 20.42
C MET B 46 -0.55 18.78 20.22
N GLU B 47 -0.25 20.07 20.44
CA GLU B 47 -1.19 21.17 20.17
C GLU B 47 -1.08 21.52 18.70
N ILE B 48 -2.19 21.42 17.96
CA ILE B 48 -2.22 21.80 16.56
C ILE B 48 -2.89 23.17 16.47
N TYR B 49 -2.17 24.14 15.88
CA TYR B 49 -2.68 25.48 15.64
C TYR B 49 -2.77 25.76 14.15
N ARG B 50 -3.68 26.66 13.82
CA ARG B 50 -3.80 27.21 12.48
C ARG B 50 -2.94 28.48 12.51
N PRO B 51 -2.01 28.66 11.54
CA PRO B 51 -1.23 29.90 11.51
C PRO B 51 -2.11 31.10 11.14
N HIS B 52 -1.79 32.26 11.68
CA HIS B 52 -2.32 33.54 11.17
C HIS B 52 -1.68 33.86 9.82
N LYS B 53 -2.32 34.74 9.06
CA LYS B 53 -1.71 35.30 7.84
C LYS B 53 -0.76 36.41 8.29
N ALA B 54 0.55 36.17 8.21
CA ALA B 54 1.57 37.17 8.59
C ALA B 54 1.33 38.50 7.87
N THR B 55 1.38 39.59 8.63
CA THR B 55 1.08 40.92 8.11
C THR B 55 2.28 41.49 7.35
N ALA B 56 2.03 42.54 6.57
CA ALA B 56 3.11 43.35 5.96
C ALA B 56 4.08 43.92 7.00
N GLU B 57 3.53 44.38 8.13
CA GLU B 57 4.29 44.80 9.32
C GLU B 57 5.28 43.73 9.81
N GLU B 58 4.81 42.50 9.92
CA GLU B 58 5.67 41.37 10.31
C GLU B 58 6.76 41.07 9.29
N MET B 59 6.39 41.02 8.01
CA MET B 59 7.33 40.68 6.94
C MET B 59 8.40 41.75 6.71
N THR B 60 8.04 43.02 6.90
CA THR B 60 8.98 44.14 6.77
C THR B 60 9.92 44.35 7.97
N LYS B 61 9.84 43.51 9.01
CA LYS B 61 10.91 43.42 10.03
C LYS B 61 12.26 42.98 9.42
N TYR B 62 12.22 42.26 8.29
CA TYR B 62 13.41 41.98 7.48
C TYR B 62 13.33 42.54 6.05
N HIS B 63 12.29 42.18 5.31
CA HIS B 63 12.19 42.54 3.88
C HIS B 63 11.90 44.01 3.66
N SER B 64 12.29 44.50 2.48
CA SER B 64 12.01 45.90 2.12
C SER B 64 10.52 46.09 1.89
N ASP B 65 10.05 47.31 2.17
CA ASP B 65 8.64 47.70 1.99
C ASP B 65 8.17 47.55 0.55
N GLU B 66 9.01 47.95 -0.40
CA GLU B 66 8.69 47.85 -1.83
C GLU B 66 8.57 46.41 -2.34
N TYR B 67 9.45 45.52 -1.86
CA TYR B 67 9.37 44.09 -2.20
C TYR B 67 8.07 43.44 -1.69
N ILE B 68 7.71 43.70 -0.44
CA ILE B 68 6.48 43.17 0.17
C ILE B 68 5.23 43.78 -0.49
N LYS B 69 5.25 45.09 -0.76
CA LYS B 69 4.17 45.75 -1.52
C LYS B 69 3.99 45.13 -2.91
N PHE B 70 5.09 44.82 -3.60
CA PHE B 70 5.06 44.11 -4.90
C PHE B 70 4.43 42.73 -4.79
N LEU B 71 4.88 41.93 -3.81
CA LEU B 71 4.30 40.60 -3.57
C LEU B 71 2.80 40.66 -3.26
N ARG B 72 2.37 41.70 -2.53
CA ARG B 72 0.94 41.94 -2.24
C ARG B 72 0.10 42.40 -3.44
N SER B 73 0.75 42.96 -4.47
CA SER B 73 0.11 43.48 -5.68
C SER B 73 0.09 42.53 -6.89
N ILE B 74 1.15 41.75 -7.07
CA ILE B 74 1.37 40.95 -8.29
C ILE B 74 0.39 39.78 -8.41
N ARG B 75 -0.26 39.66 -9.57
CA ARG B 75 -1.20 38.57 -9.88
C ARG B 75 -1.00 38.11 -11.33
N PRO B 76 -1.47 36.88 -11.68
CA PRO B 76 -1.43 36.45 -13.09
C PRO B 76 -2.12 37.41 -14.08
N ASP B 77 -3.25 38.01 -13.68
CA ASP B 77 -3.98 38.97 -14.51
C ASP B 77 -3.29 40.33 -14.76
N ASN B 78 -2.34 40.74 -13.91
CA ASN B 78 -1.63 42.04 -14.07
C ASN B 78 -0.10 42.00 -14.30
N MET B 79 0.45 40.82 -14.64
CA MET B 79 1.92 40.63 -14.89
C MET B 79 2.54 41.57 -15.92
N SER B 80 1.80 41.85 -17.00
CA SER B 80 2.23 42.79 -18.05
C SER B 80 2.51 44.21 -17.53
N GLU B 81 1.70 44.67 -16.57
CA GLU B 81 1.89 45.99 -15.92
C GLU B 81 3.14 46.06 -15.02
N TYR B 82 3.52 44.93 -14.40
CA TYR B 82 4.63 44.84 -13.44
C TYR B 82 5.89 44.15 -14.00
N SER B 83 6.13 44.22 -15.31
CA SER B 83 7.25 43.50 -15.95
C SER B 83 8.63 43.92 -15.42
N LYS B 84 8.81 45.22 -15.18
CA LYS B 84 10.07 45.74 -14.64
C LYS B 84 10.30 45.39 -13.16
N GLN B 85 9.24 45.47 -12.35
CA GLN B 85 9.30 45.05 -10.93
C GLN B 85 9.52 43.54 -10.77
N MET B 86 8.85 42.75 -11.62
CA MET B 86 9.13 41.29 -11.73
C MET B 86 10.61 40.95 -11.91
N GLN B 87 11.29 41.70 -12.78
CA GLN B 87 12.74 41.57 -13.01
C GLN B 87 13.54 41.95 -11.77
N ARG B 88 13.24 43.13 -11.19
CA ARG B 88 13.91 43.67 -9.99
C ARG B 88 13.85 42.72 -8.80
N PHE B 89 12.66 42.17 -8.54
CA PHE B 89 12.39 41.29 -7.40
C PHE B 89 12.54 39.78 -7.70
N ASN B 90 12.94 39.43 -8.93
CA ASN B 90 13.22 38.05 -9.37
C ASN B 90 12.01 37.10 -9.24
N VAL B 91 10.85 37.60 -9.64
CA VAL B 91 9.59 36.84 -9.67
C VAL B 91 9.16 36.72 -11.14
N GLY B 92 8.68 35.54 -11.53
CA GLY B 92 8.18 35.27 -12.89
C GLY B 92 8.64 33.99 -13.58
N GLU B 93 9.81 33.48 -13.19
CA GLU B 93 10.44 32.30 -13.84
C GLU B 93 10.47 31.13 -12.82
N ASP B 94 11.62 30.81 -12.21
CA ASP B 94 11.70 29.76 -11.16
C ASP B 94 10.86 30.06 -9.92
N CYS B 95 10.68 31.35 -9.61
CA CYS B 95 9.76 31.81 -8.57
C CYS B 95 8.55 32.43 -9.29
N PRO B 96 7.58 31.59 -9.75
CA PRO B 96 6.52 32.10 -10.62
C PRO B 96 5.47 32.96 -9.91
N VAL B 97 4.69 33.69 -10.70
CA VAL B 97 3.47 34.35 -10.23
C VAL B 97 2.36 33.30 -10.32
N PHE B 98 1.68 33.03 -9.19
CA PHE B 98 0.50 32.16 -9.15
C PHE B 98 -0.60 32.73 -8.27
N ASP B 99 -1.84 32.25 -8.47
CA ASP B 99 -3.01 32.73 -7.72
C ASP B 99 -2.83 32.48 -6.22
N GLY B 100 -3.03 33.52 -5.41
CA GLY B 100 -2.83 33.44 -3.97
C GLY B 100 -1.39 33.38 -3.50
N LEU B 101 -0.43 33.85 -4.31
CA LEU B 101 0.99 33.89 -3.95
C LEU B 101 1.23 34.58 -2.62
N PHE B 102 0.63 35.75 -2.43
CA PHE B 102 0.84 36.50 -1.18
C PHE B 102 0.27 35.76 0.04
N GLU B 103 -0.98 35.28 -0.06
CA GLU B 103 -1.59 34.42 0.98
C GLU B 103 -0.70 33.23 1.37
N PHE B 104 -0.15 32.56 0.37
CA PHE B 104 0.79 31.45 0.57
C PHE B 104 2.02 31.87 1.38
N CYS B 105 2.61 33.01 1.03
CA CYS B 105 3.71 33.61 1.82
C CYS B 105 3.28 33.93 3.25
N GLN B 106 2.08 34.48 3.40
CA GLN B 106 1.56 34.83 4.73
C GLN B 106 1.36 33.61 5.65
N LEU B 107 0.87 32.50 5.10
CA LEU B 107 0.62 31.28 5.89
C LEU B 107 1.89 30.55 6.28
N SER B 108 2.82 30.39 5.33
CA SER B 108 4.13 29.78 5.62
C SER B 108 4.91 30.59 6.65
N THR B 109 4.95 31.91 6.48
CA THR B 109 5.60 32.83 7.41
C THR B 109 4.91 32.87 8.78
N GLY B 110 3.57 32.95 8.76
CA GLY B 110 2.76 32.98 9.98
C GLY B 110 3.03 31.85 10.95
N GLY B 111 3.18 30.63 10.43
CA GLY B 111 3.55 29.45 11.22
C GLY B 111 4.88 29.58 11.95
N SER B 112 5.89 30.12 11.26
CA SER B 112 7.24 30.26 11.83
C SER B 112 7.33 31.35 12.90
N VAL B 113 6.74 32.52 12.62
CA VAL B 113 6.71 33.63 13.57
C VAL B 113 5.83 33.30 14.78
N ALA B 114 4.69 32.65 14.55
CA ALA B 114 3.81 32.20 15.66
C ALA B 114 4.52 31.20 16.58
N GLY B 115 5.26 30.25 15.99
CA GLY B 115 6.07 29.28 16.74
C GLY B 115 7.15 29.93 17.59
N ALA B 116 7.87 30.89 17.01
CA ALA B 116 8.88 31.69 17.75
C ALA B 116 8.29 32.45 18.95
N VAL B 117 7.11 33.04 18.78
CA VAL B 117 6.40 33.75 19.86
C VAL B 117 6.02 32.76 20.99
N LYS B 118 5.49 31.58 20.62
CA LYS B 118 5.19 30.51 21.60
C LYS B 118 6.41 30.08 22.41
N LEU B 119 7.54 29.94 21.73
CA LEU B 119 8.83 29.62 22.38
C LEU B 119 9.30 30.74 23.32
N ASN B 120 9.24 31.99 22.84
CA ASN B 120 9.56 33.19 23.67
C ASN B 120 8.71 33.33 24.94
N ARG B 121 7.41 33.05 24.82
CA ARG B 121 6.48 33.07 25.95
C ARG B 121 6.52 31.83 26.88
N GLN B 122 7.40 30.86 26.59
CA GLN B 122 7.58 29.62 27.36
C GLN B 122 6.29 28.78 27.49
N GLN B 123 5.46 28.83 26.43
CA GLN B 123 4.21 28.06 26.33
C GLN B 123 4.42 26.74 25.59
N THR B 124 5.58 26.56 24.98
CA THR B 124 5.99 25.28 24.40
C THR B 124 7.51 25.10 24.48
N ASP B 125 7.95 23.85 24.36
CA ASP B 125 9.37 23.49 24.27
C ASP B 125 9.84 23.34 22.83
N MET B 126 8.97 22.80 21.96
CA MET B 126 9.20 22.70 20.53
C MET B 126 8.02 23.29 19.76
N ALA B 127 8.32 23.99 18.67
CA ALA B 127 7.32 24.48 17.71
C ALA B 127 7.69 23.94 16.34
N VAL B 128 6.69 23.45 15.59
CA VAL B 128 6.90 22.82 14.28
C VAL B 128 6.09 23.56 13.23
N ASN B 129 6.74 23.97 12.13
CA ASN B 129 6.06 24.51 10.94
C ASN B 129 6.67 23.91 9.67
N TRP B 130 6.11 22.79 9.20
CA TRP B 130 6.60 22.16 7.98
C TRP B 130 6.39 22.98 6.70
N ALA B 131 5.44 23.92 6.71
CA ALA B 131 5.28 24.89 5.61
C ALA B 131 6.40 25.92 5.45
N GLY B 132 7.21 26.13 6.50
CA GLY B 132 8.32 27.09 6.48
C GLY B 132 9.65 26.53 6.02
N GLY B 133 10.72 27.20 6.43
CA GLY B 133 12.08 26.87 6.02
C GLY B 133 12.53 27.39 4.66
N LEU B 134 12.04 28.57 4.28
CA LEU B 134 12.27 29.15 2.94
C LEU B 134 13.59 29.94 2.94
N HIS B 135 14.68 29.19 3.04
CA HIS B 135 15.99 29.76 3.38
C HIS B 135 16.72 30.58 2.30
N HIS B 136 16.24 30.53 1.05
CA HIS B 136 16.83 31.28 -0.07
C HIS B 136 16.34 32.72 -0.24
N ALA B 137 15.16 33.05 0.29
CA ALA B 137 14.58 34.39 0.08
C ALA B 137 15.48 35.46 0.68
N LYS B 138 15.66 36.55 -0.06
CA LYS B 138 16.57 37.64 0.29
C LYS B 138 15.75 38.87 0.68
N LYS B 139 16.43 39.87 1.23
CA LYS B 139 15.78 41.11 1.71
C LYS B 139 14.82 41.72 0.69
N SER B 140 15.25 41.83 -0.56
CA SER B 140 14.46 42.44 -1.64
C SER B 140 14.42 41.60 -2.93
N GLU B 141 14.47 40.27 -2.82
CA GLU B 141 14.27 39.40 -4.00
C GLU B 141 13.91 37.97 -3.61
N ALA B 142 13.09 37.35 -4.47
CA ALA B 142 12.80 35.92 -4.39
C ALA B 142 13.99 35.16 -4.96
N SER B 143 14.13 33.90 -4.55
CA SER B 143 15.19 33.03 -5.04
C SER B 143 14.87 31.57 -4.73
N GLY B 144 15.14 30.68 -5.69
CA GLY B 144 15.07 29.23 -5.46
C GLY B 144 13.75 28.70 -4.93
N PHE B 145 12.66 29.24 -5.50
CA PHE B 145 11.26 28.95 -5.11
C PHE B 145 10.76 29.66 -3.83
N CYS B 146 11.61 30.46 -3.18
CA CYS B 146 11.32 31.12 -1.90
C CYS B 146 11.05 32.60 -2.15
N TYR B 147 10.00 33.14 -1.54
CA TYR B 147 9.66 34.57 -1.67
C TYR B 147 9.90 35.34 -0.37
N VAL B 148 9.40 34.82 0.74
CA VAL B 148 9.53 35.45 2.07
C VAL B 148 10.33 34.49 2.97
N ASN B 149 11.48 34.96 3.44
CA ASN B 149 12.29 34.28 4.44
C ASN B 149 11.67 34.26 5.85
N ASP B 150 10.78 33.28 6.04
CA ASP B 150 10.17 32.97 7.35
C ASP B 150 11.18 32.66 8.48
N ILE B 151 12.33 32.11 8.09
CA ILE B 151 13.37 31.72 9.03
C ILE B 151 14.01 32.97 9.65
N VAL B 152 14.42 33.90 8.79
CA VAL B 152 15.01 35.18 9.26
C VAL B 152 14.01 35.90 10.18
N LEU B 153 12.75 35.96 9.77
CA LEU B 153 11.69 36.61 10.56
C LEU B 153 11.47 35.92 11.92
N ALA B 154 11.48 34.59 11.93
CA ALA B 154 11.39 33.81 13.17
C ALA B 154 12.59 34.02 14.10
N ILE B 155 13.79 34.06 13.53
CA ILE B 155 15.02 34.33 14.31
C ILE B 155 15.02 35.74 14.91
N LEU B 156 14.63 36.74 14.11
CA LEU B 156 14.43 38.11 14.64
C LEU B 156 13.44 38.15 15.82
N GLU B 157 12.37 37.35 15.76
CA GLU B 157 11.44 37.19 16.86
C GLU B 157 12.11 36.58 18.09
N LEU B 158 12.83 35.48 17.91
CA LEU B 158 13.61 34.85 18.99
C LEU B 158 14.66 35.78 19.61
N LEU B 159 15.32 36.59 18.78
CA LEU B 159 16.31 37.57 19.25
C LEU B 159 15.77 38.67 20.18
N LYS B 160 14.44 38.88 20.21
CA LYS B 160 13.83 39.73 21.24
C LYS B 160 14.09 39.24 22.67
N TYR B 161 14.06 37.92 22.87
CA TYR B 161 14.23 37.28 24.19
C TYR B 161 15.54 36.51 24.41
N HIS B 162 16.27 36.19 23.34
CA HIS B 162 17.44 35.31 23.38
C HIS B 162 18.67 36.05 22.87
N GLN B 163 19.71 36.12 23.70
CA GLN B 163 20.97 36.78 23.33
C GLN B 163 21.67 36.08 22.15
N ARG B 164 21.68 34.74 22.18
CA ARG B 164 22.32 33.91 21.16
C ARG B 164 21.33 32.86 20.65
N VAL B 165 21.14 32.83 19.32
CA VAL B 165 20.27 31.87 18.64
C VAL B 165 21.13 31.05 17.68
N LEU B 166 20.96 29.72 17.71
CA LEU B 166 21.68 28.82 16.79
C LEU B 166 20.75 28.42 15.66
N TYR B 167 21.20 28.57 14.43
CA TYR B 167 20.50 28.11 13.24
C TYR B 167 21.26 26.91 12.64
N ILE B 168 20.53 25.81 12.40
CA ILE B 168 21.11 24.57 11.83
C ILE B 168 20.27 24.22 10.60
N ASP B 169 20.96 23.88 9.50
CA ASP B 169 20.33 23.73 8.19
C ASP B 169 20.81 22.42 7.55
N ILE B 170 19.90 21.44 7.45
CA ILE B 170 20.19 20.12 6.83
C ILE B 170 19.54 19.89 5.46
N ASP B 171 18.93 20.94 4.91
CA ASP B 171 18.60 21.02 3.47
C ASP B 171 19.86 20.72 2.65
N ILE B 172 19.71 20.08 1.49
CA ILE B 172 20.87 19.82 0.62
C ILE B 172 21.55 21.10 0.11
N HIS B 173 20.81 22.21 0.05
CA HIS B 173 21.36 23.49 -0.40
C HIS B 173 21.84 24.34 0.76
N HIS B 174 22.78 25.21 0.46
CA HIS B 174 23.28 26.19 1.42
C HIS B 174 22.15 27.15 1.83
N GLY B 175 22.02 27.39 3.14
CA GLY B 175 21.05 28.37 3.68
C GLY B 175 21.53 29.80 3.52
N ASP B 176 21.56 30.26 2.27
CA ASP B 176 22.25 31.52 1.91
C ASP B 176 21.55 32.78 2.40
N GLY B 177 20.21 32.81 2.27
CA GLY B 177 19.41 33.95 2.74
C GLY B 177 19.48 34.17 4.24
N VAL B 178 19.55 33.07 5.00
CA VAL B 178 19.67 33.12 6.46
C VAL B 178 21.09 33.54 6.85
N GLU B 179 22.09 32.90 6.24
CA GLU B 179 23.49 33.25 6.48
C GLU B 179 23.78 34.73 6.19
N GLU B 180 23.28 35.21 5.03
CA GLU B 180 23.45 36.62 4.64
C GLU B 180 22.86 37.60 5.65
N ALA B 181 21.63 37.32 6.11
CA ALA B 181 20.94 38.16 7.10
C ALA B 181 21.72 38.40 8.40
N PHE B 182 22.42 37.35 8.86
CA PHE B 182 23.16 37.38 10.12
C PHE B 182 24.67 37.24 9.98
N TYR B 183 25.20 37.54 8.79
CA TYR B 183 26.63 37.32 8.49
C TYR B 183 27.58 38.17 9.32
N THR B 184 27.14 39.37 9.71
CA THR B 184 27.94 40.33 10.47
C THR B 184 27.58 40.44 11.96
N THR B 185 26.83 39.48 12.50
CA THR B 185 26.47 39.47 13.94
C THR B 185 26.88 38.15 14.61
N ASP B 186 27.28 38.27 15.88
CA ASP B 186 27.54 37.11 16.76
C ASP B 186 26.29 36.64 17.53
N ARG B 187 25.16 37.34 17.38
CA ARG B 187 23.91 36.95 18.04
C ARG B 187 23.15 35.82 17.35
N VAL B 188 23.54 35.47 16.12
CA VAL B 188 23.06 34.25 15.45
C VAL B 188 24.27 33.53 14.87
N MET B 189 24.46 32.27 15.27
CA MET B 189 25.38 31.36 14.59
C MET B 189 24.58 30.54 13.58
N THR B 190 25.02 30.54 12.32
CA THR B 190 24.41 29.76 11.25
C THR B 190 25.34 28.58 10.93
N VAL B 191 24.76 27.37 10.89
CA VAL B 191 25.49 26.13 10.62
C VAL B 191 24.74 25.42 9.48
N SER B 192 25.36 25.36 8.30
CA SER B 192 24.75 24.70 7.13
C SER B 192 25.62 23.52 6.68
N PHE B 193 24.96 22.38 6.48
CA PHE B 193 25.54 21.20 5.81
C PHE B 193 24.86 21.17 4.44
N HIS B 194 25.62 21.03 3.37
CA HIS B 194 25.06 21.15 2.00
C HIS B 194 26.00 20.61 0.96
N LYS B 195 25.43 20.27 -0.20
CA LYS B 195 26.24 20.01 -1.39
C LYS B 195 26.90 21.32 -1.83
N TYR B 196 28.19 21.23 -2.15
CA TYR B 196 28.96 22.37 -2.65
C TYR B 196 29.81 21.95 -3.86
N GLY B 197 29.90 22.85 -4.84
CA GLY B 197 30.67 22.65 -6.07
C GLY B 197 29.73 22.56 -7.25
N GLU B 198 29.64 23.66 -8.02
CA GLU B 198 28.81 23.73 -9.24
C GLU B 198 27.33 23.42 -8.95
N TYR B 199 26.83 24.01 -7.86
CA TYR B 199 25.51 23.68 -7.31
C TYR B 199 24.86 24.93 -6.74
N PHE B 200 23.53 25.00 -6.86
CA PHE B 200 22.75 26.13 -6.34
C PHE B 200 22.89 26.18 -4.80
N PRO B 201 23.01 27.40 -4.21
CA PRO B 201 23.11 28.75 -4.78
C PRO B 201 24.54 29.23 -5.15
N GLY B 202 25.56 28.38 -4.99
CA GLY B 202 26.96 28.71 -5.27
C GLY B 202 27.76 29.26 -4.09
N THR B 203 27.12 29.40 -2.92
CA THR B 203 27.74 29.96 -1.71
C THR B 203 27.89 28.85 -0.65
N GLY B 204 28.38 29.19 0.53
CA GLY B 204 28.60 28.22 1.60
C GLY B 204 29.90 27.45 1.45
N ASP B 205 30.96 28.16 1.07
CA ASP B 205 32.31 27.62 1.06
C ASP B 205 32.74 27.41 2.52
N LEU B 206 33.58 26.40 2.75
CA LEU B 206 34.28 26.18 4.04
C LEU B 206 34.90 27.45 4.64
N ARG B 207 35.48 28.28 3.77
CA ARG B 207 36.14 29.53 4.16
C ARG B 207 35.22 30.73 4.42
N ASP B 208 33.90 30.61 4.15
CA ASP B 208 32.93 31.64 4.51
C ASP B 208 32.56 31.43 5.99
N ILE B 209 33.20 32.25 6.84
CA ILE B 209 33.12 32.11 8.32
C ILE B 209 32.45 33.29 9.05
N GLY B 210 31.90 34.24 8.29
CA GLY B 210 31.34 35.49 8.82
C GLY B 210 32.29 36.67 8.63
N ALA B 211 31.81 37.85 8.98
CA ALA B 211 32.58 39.10 8.88
C ALA B 211 32.28 40.02 10.07
N GLY B 212 33.22 40.91 10.39
CA GLY B 212 33.06 41.88 11.48
C GLY B 212 32.88 41.21 12.83
N LYS B 213 31.86 41.65 13.58
CA LYS B 213 31.46 40.97 14.83
C LYS B 213 31.01 39.52 14.61
N GLY B 214 30.49 39.23 13.41
CA GLY B 214 30.11 37.88 13.00
C GLY B 214 31.21 36.93 12.56
N LYS B 215 32.48 37.36 12.54
CA LYS B 215 33.60 36.46 12.17
C LYS B 215 33.68 35.27 13.14
N TYR B 216 33.71 34.06 12.56
CA TYR B 216 33.57 32.75 13.25
C TYR B 216 32.14 32.33 13.67
N TYR B 217 31.12 33.12 13.34
CA TYR B 217 29.70 32.79 13.64
C TYR B 217 28.90 32.36 12.39
N ALA B 218 29.57 32.00 11.30
CA ALA B 218 28.98 31.27 10.18
C ALA B 218 29.81 30.01 9.99
N VAL B 219 29.14 28.85 9.93
CA VAL B 219 29.80 27.54 9.79
C VAL B 219 29.18 26.85 8.58
N ASN B 220 30.03 26.41 7.64
CA ASN B 220 29.60 25.73 6.42
C ASN B 220 30.37 24.43 6.25
N PHE B 221 29.64 23.31 6.18
CA PHE B 221 30.20 21.98 5.90
C PHE B 221 29.83 21.62 4.45
N PRO B 222 30.75 21.87 3.48
CA PRO B 222 30.48 21.49 2.11
C PRO B 222 30.65 19.99 1.87
N MET B 223 29.72 19.40 1.13
CA MET B 223 29.67 17.96 0.87
C MET B 223 29.57 17.69 -0.63
N ARG B 224 29.89 16.45 -0.99
CA ARG B 224 29.77 15.93 -2.36
C ARG B 224 28.56 15.00 -2.47
N ASP B 225 28.28 14.56 -3.70
CA ASP B 225 27.19 13.62 -3.99
C ASP B 225 27.25 12.34 -3.14
N GLY B 226 26.08 11.82 -2.81
CA GLY B 226 25.95 10.48 -2.26
C GLY B 226 26.29 10.27 -0.81
N ILE B 227 26.31 11.33 0.01
CA ILE B 227 26.52 11.15 1.45
C ILE B 227 25.40 10.26 2.03
N ASP B 228 25.79 9.35 2.93
CA ASP B 228 24.89 8.34 3.51
C ASP B 228 24.71 8.59 5.00
N ASP B 229 23.85 7.80 5.63
CA ASP B 229 23.51 7.94 7.06
C ASP B 229 24.73 7.88 7.99
N GLU B 230 25.57 6.86 7.78
CA GLU B 230 26.80 6.66 8.57
C GLU B 230 27.73 7.88 8.50
N SER B 231 28.06 8.31 7.28
CA SER B 231 28.95 9.46 7.05
C SER B 231 28.42 10.78 7.60
N TYR B 232 27.14 11.04 7.36
CA TYR B 232 26.48 12.27 7.85
C TYR B 232 26.41 12.29 9.38
N GLY B 233 25.98 11.17 9.97
CA GLY B 233 25.85 11.03 11.42
C GLY B 233 27.17 11.19 12.17
N GLN B 234 28.24 10.62 11.61
CA GLN B 234 29.58 10.73 12.20
C GLN B 234 30.18 12.13 12.26
N ILE B 235 29.74 13.05 11.38
CA ILE B 235 30.15 14.48 11.47
C ILE B 235 29.13 15.41 12.14
N PHE B 236 27.83 15.13 12.02
CA PHE B 236 26.78 16.03 12.55
C PHE B 236 26.87 16.17 14.08
N LYS B 237 26.88 15.05 14.79
CA LYS B 237 26.89 15.08 16.26
C LYS B 237 28.13 15.77 16.87
N PRO B 238 29.36 15.41 16.41
CA PRO B 238 30.56 16.17 16.85
C PRO B 238 30.54 17.69 16.59
N ILE B 239 30.13 18.10 15.38
CA ILE B 239 30.07 19.52 15.00
C ILE B 239 29.06 20.28 15.86
N ILE B 240 27.85 19.75 15.96
CA ILE B 240 26.79 20.38 16.76
C ILE B 240 27.13 20.38 18.25
N SER B 241 27.71 19.29 18.77
CA SER B 241 28.20 19.26 20.17
C SER B 241 29.24 20.33 20.47
N LYS B 242 30.21 20.49 19.55
CA LYS B 242 31.24 21.54 19.68
C LYS B 242 30.66 22.94 19.54
N VAL B 243 29.73 23.13 18.61
CA VAL B 243 28.98 24.41 18.47
C VAL B 243 28.24 24.73 19.78
N MET B 244 27.53 23.75 20.35
CA MET B 244 26.80 23.94 21.61
C MET B 244 27.71 24.31 22.79
N GLU B 245 28.85 23.63 22.90
CA GLU B 245 29.86 23.90 23.93
C GLU B 245 30.44 25.32 23.83
N MET B 246 30.83 25.72 22.61
CA MET B 246 31.52 27.00 22.38
C MET B 246 30.56 28.19 22.33
N TYR B 247 29.44 28.04 21.63
CA TYR B 247 28.50 29.14 21.40
C TYR B 247 27.48 29.34 22.52
N GLN B 248 27.03 28.24 23.13
CA GLN B 248 26.06 28.24 24.24
C GLN B 248 24.77 29.04 23.91
N PRO B 249 24.05 28.64 22.85
CA PRO B 249 22.80 29.32 22.49
C PRO B 249 21.70 29.03 23.49
N SER B 250 20.74 29.95 23.61
CA SER B 250 19.55 29.75 24.44
C SER B 250 18.30 29.36 23.62
N ALA B 251 18.38 29.39 22.29
CA ALA B 251 17.33 28.87 21.40
C ALA B 251 17.93 28.36 20.09
N VAL B 252 17.22 27.42 19.47
CA VAL B 252 17.68 26.74 18.26
C VAL B 252 16.58 26.75 17.20
N VAL B 253 16.97 27.01 15.95
CA VAL B 253 16.10 26.86 14.79
C VAL B 253 16.74 25.79 13.89
N LEU B 254 15.97 24.75 13.59
CA LEU B 254 16.45 23.63 12.76
C LEU B 254 15.62 23.59 11.49
N GLN B 255 16.26 23.89 10.37
CA GLN B 255 15.65 23.77 9.04
C GLN B 255 15.87 22.32 8.61
N CYS B 256 14.77 21.59 8.37
CA CYS B 256 14.79 20.15 8.06
C CYS B 256 14.47 19.84 6.60
N GLY B 257 15.08 20.58 5.68
CA GLY B 257 14.84 20.41 4.24
C GLY B 257 15.07 18.95 3.84
N ALA B 258 14.05 18.37 3.19
CA ALA B 258 14.03 16.94 2.85
C ALA B 258 14.59 16.61 1.46
N ASP B 259 15.11 17.63 0.75
CA ASP B 259 15.84 17.42 -0.51
C ASP B 259 17.23 16.80 -0.34
N SER B 260 17.70 16.65 0.90
CA SER B 260 18.86 15.81 1.24
C SER B 260 18.58 14.29 1.36
N LEU B 261 17.33 13.85 1.15
CA LEU B 261 16.99 12.41 1.18
C LEU B 261 17.37 11.70 -0.12
N SER B 262 17.70 10.42 0.03
CA SER B 262 17.90 9.50 -1.09
C SER B 262 16.69 9.51 -2.03
N GLY B 263 16.96 9.58 -3.33
CA GLY B 263 15.91 9.56 -4.35
C GLY B 263 15.15 10.84 -4.57
N ASP B 264 15.62 11.97 -4.01
CA ASP B 264 14.98 13.27 -4.26
C ASP B 264 15.11 13.63 -5.74
N ARG B 265 14.03 14.17 -6.30
CA ARG B 265 13.99 14.52 -7.74
C ARG B 265 15.09 15.49 -8.19
N LEU B 266 15.42 16.46 -7.32
CA LEU B 266 16.44 17.48 -7.59
C LEU B 266 17.78 17.28 -6.86
N GLY B 267 17.78 16.58 -5.72
CA GLY B 267 18.98 16.35 -4.91
C GLY B 267 19.77 15.13 -5.31
N CYS B 268 20.99 15.03 -4.79
CA CYS B 268 21.92 13.93 -5.05
C CYS B 268 22.65 13.44 -3.78
N PHE B 269 21.96 13.49 -2.63
CA PHE B 269 22.43 12.83 -1.38
C PHE B 269 21.74 11.48 -1.26
N ASN B 270 22.18 10.67 -0.29
CA ASN B 270 21.67 9.31 -0.09
C ASN B 270 21.29 9.02 1.36
N LEU B 271 20.68 10.00 2.02
CA LEU B 271 20.19 9.83 3.39
C LEU B 271 18.85 9.12 3.41
N THR B 272 18.64 8.26 4.40
CA THR B 272 17.33 7.69 4.68
C THR B 272 16.58 8.66 5.59
N VAL B 273 15.31 8.36 5.86
CA VAL B 273 14.51 9.11 6.84
C VAL B 273 15.13 9.01 8.24
N LYS B 274 15.64 7.83 8.61
CA LYS B 274 16.35 7.65 9.89
C LYS B 274 17.60 8.51 10.03
N GLY B 275 18.43 8.56 8.97
CA GLY B 275 19.64 9.38 8.99
C GLY B 275 19.36 10.87 9.06
N HIS B 276 18.34 11.30 8.33
CA HIS B 276 17.86 12.68 8.36
C HIS B 276 17.32 13.02 9.77
N ALA B 277 16.45 12.15 10.29
CA ALA B 277 15.82 12.35 11.62
C ALA B 277 16.78 12.24 12.81
N LYS B 278 17.89 11.52 12.65
CA LYS B 278 18.97 11.52 13.66
C LYS B 278 19.45 12.94 14.02
N CYS B 279 19.45 13.86 13.06
CA CYS B 279 19.76 15.27 13.29
C CYS B 279 18.81 15.93 14.29
N VAL B 280 17.51 15.61 14.16
CA VAL B 280 16.48 16.11 15.11
C VAL B 280 16.73 15.51 16.50
N GLU B 281 17.01 14.21 16.57
CA GLU B 281 17.33 13.53 17.84
C GLU B 281 18.55 14.17 18.55
N VAL B 282 19.61 14.43 17.78
CA VAL B 282 20.83 15.07 18.33
C VAL B 282 20.54 16.47 18.89
N VAL B 283 19.84 17.30 18.12
CA VAL B 283 19.53 18.69 18.53
C VAL B 283 18.65 18.69 19.80
N LYS B 284 17.67 17.77 19.85
CA LYS B 284 16.84 17.56 21.06
C LYS B 284 17.58 17.28 22.37
N THR B 285 18.70 16.56 22.31
CA THR B 285 19.45 16.20 23.53
C THR B 285 19.96 17.41 24.36
N PHE B 286 20.12 18.56 23.71
CA PHE B 286 20.59 19.79 24.39
C PHE B 286 19.51 20.55 25.16
N ASN B 287 18.23 20.13 25.06
CA ASN B 287 17.13 20.65 25.91
C ASN B 287 16.97 22.16 25.83
N LEU B 288 17.06 22.70 24.62
CA LEU B 288 16.87 24.13 24.35
C LEU B 288 15.54 24.32 23.61
N PRO B 289 14.88 25.49 23.78
CA PRO B 289 13.75 25.87 22.92
C PRO B 289 14.10 25.71 21.44
N LEU B 290 13.26 24.98 20.70
CA LEU B 290 13.57 24.49 19.36
C LEU B 290 12.43 24.79 18.39
N LEU B 291 12.73 25.52 17.31
CA LEU B 291 11.79 25.72 16.21
C LEU B 291 12.21 24.81 15.08
N MET B 292 11.34 23.88 14.69
CA MET B 292 11.58 22.93 13.59
C MET B 292 10.81 23.39 12.36
N LEU B 293 11.53 23.59 11.26
CA LEU B 293 10.95 24.07 10.02
C LEU B 293 11.17 23.08 8.89
N GLY B 294 10.36 23.21 7.86
CA GLY B 294 10.52 22.43 6.63
C GLY B 294 11.64 22.96 5.75
N GLY B 295 11.45 22.86 4.45
CA GLY B 295 12.48 23.23 3.48
C GLY B 295 12.20 22.59 2.14
N GLY B 296 13.26 22.27 1.40
CA GLY B 296 13.10 21.58 0.12
C GLY B 296 12.62 20.15 0.29
N GLY B 297 12.39 19.50 -0.85
CA GLY B 297 11.95 18.11 -0.90
C GLY B 297 10.99 17.97 -2.06
N TYR B 298 11.39 17.17 -3.05
CA TYR B 298 10.75 17.09 -4.37
C TYR B 298 10.27 15.69 -4.79
N THR B 299 10.59 14.64 -4.03
CA THR B 299 9.93 13.33 -4.13
C THR B 299 8.93 13.30 -2.98
N ILE B 300 7.69 13.67 -3.28
CA ILE B 300 6.77 14.13 -2.21
C ILE B 300 6.33 13.04 -1.23
N ARG B 301 6.23 11.79 -1.68
CA ARG B 301 6.03 10.65 -0.76
C ARG B 301 7.10 10.56 0.33
N ASN B 302 8.36 10.80 -0.03
CA ASN B 302 9.48 10.78 0.93
C ASN B 302 9.51 11.99 1.85
N VAL B 303 9.06 13.15 1.35
CA VAL B 303 8.87 14.35 2.18
C VAL B 303 7.85 14.08 3.29
N ALA B 304 6.71 13.49 2.92
CA ALA B 304 5.65 13.13 3.87
C ALA B 304 6.15 12.15 4.94
N ARG B 305 6.88 11.12 4.51
CA ARG B 305 7.52 10.16 5.42
C ARG B 305 8.47 10.84 6.41
N CYS B 306 9.35 11.68 5.86
CA CYS B 306 10.43 12.32 6.63
C CYS B 306 9.87 13.20 7.75
N TRP B 307 8.97 14.11 7.38
CA TRP B 307 8.39 15.05 8.34
C TRP B 307 7.40 14.44 9.31
N THR B 308 6.69 13.37 8.90
CA THR B 308 5.89 12.58 9.82
C THR B 308 6.79 11.95 10.89
N TYR B 309 7.86 11.29 10.46
CA TYR B 309 8.78 10.64 11.40
C TYR B 309 9.48 11.65 12.32
N GLU B 310 9.87 12.81 11.77
CA GLU B 310 10.49 13.87 12.59
C GLU B 310 9.54 14.54 13.58
N THR B 311 8.25 14.58 13.26
CA THR B 311 7.22 14.97 14.23
C THR B 311 7.13 13.95 15.38
N ALA B 312 7.15 12.64 15.06
CA ALA B 312 7.23 11.58 16.08
C ALA B 312 8.49 11.69 16.94
N VAL B 313 9.63 12.01 16.31
CA VAL B 313 10.89 12.25 17.02
C VAL B 313 10.75 13.43 18.00
N ALA B 314 10.18 14.55 17.53
CA ALA B 314 9.86 15.71 18.40
C ALA B 314 8.98 15.32 19.60
N LEU B 315 8.00 14.46 19.36
CA LEU B 315 7.10 13.91 20.40
C LEU B 315 7.70 12.80 21.30
N ASP B 316 8.96 12.38 21.06
CA ASP B 316 9.65 11.35 21.82
C ASP B 316 8.88 10.01 21.81
N CYS B 317 8.39 9.65 20.62
CA CYS B 317 7.71 8.38 20.43
C CYS B 317 8.07 7.76 19.10
N GLU B 318 7.97 6.44 19.06
CA GLU B 318 8.14 5.69 17.83
C GLU B 318 6.77 5.45 17.21
N ILE B 319 6.80 5.23 15.91
CA ILE B 319 5.60 4.89 15.14
C ILE B 319 5.96 3.69 14.25
N PRO B 320 4.96 2.85 13.90
CA PRO B 320 5.29 1.65 13.13
C PRO B 320 5.73 1.96 11.69
N ASN B 321 6.59 1.10 11.16
CA ASN B 321 6.98 1.15 9.74
C ASN B 321 5.79 0.93 8.79
N GLU B 322 4.84 0.08 9.19
CA GLU B 322 3.57 -0.15 8.48
C GLU B 322 2.79 1.18 8.41
N LEU B 323 2.63 1.75 7.22
CA LEU B 323 1.88 3.02 7.10
C LEU B 323 0.40 2.77 7.41
N PRO B 324 -0.23 3.67 8.20
CA PRO B 324 -1.67 3.54 8.37
C PRO B 324 -2.38 3.95 7.07
N TYR B 325 -3.60 3.48 6.89
CA TYR B 325 -4.43 3.98 5.79
C TYR B 325 -4.57 5.50 5.92
N ASN B 326 -4.58 6.18 4.79
CA ASN B 326 -4.62 7.64 4.73
C ASN B 326 -5.15 8.10 3.38
N ASP B 327 -5.42 9.40 3.26
CA ASP B 327 -5.98 9.99 2.04
C ASP B 327 -5.12 9.82 0.78
N TYR B 328 -3.81 9.67 0.96
CA TYR B 328 -2.84 9.55 -0.14
C TYR B 328 -2.09 8.21 -0.10
N PHE B 329 -2.74 7.16 0.39
CA PHE B 329 -2.13 5.83 0.62
C PHE B 329 -1.41 5.27 -0.62
N GLU B 330 -2.05 5.40 -1.78
CA GLU B 330 -1.48 5.01 -3.08
C GLU B 330 -0.15 5.69 -3.49
N TYR B 331 0.16 6.86 -2.92
CA TYR B 331 1.41 7.56 -3.20
C TYR B 331 2.62 6.82 -2.61
N PHE B 332 2.41 5.99 -1.58
CA PHE B 332 3.49 5.32 -0.85
C PHE B 332 3.77 3.87 -1.29
N GLY B 333 3.21 3.44 -2.43
CA GLY B 333 3.60 2.16 -3.02
C GLY B 333 5.03 2.21 -3.59
N PRO B 334 5.62 1.04 -3.89
CA PRO B 334 5.05 -0.32 -3.82
C PRO B 334 5.01 -0.98 -2.44
N ASP B 335 5.70 -0.39 -1.46
CA ASP B 335 5.97 -1.01 -0.15
C ASP B 335 4.98 -0.58 0.95
N PHE B 336 4.48 0.66 0.88
CA PHE B 336 3.60 1.24 1.90
C PHE B 336 4.24 1.23 3.31
N LYS B 337 5.55 1.49 3.34
CA LYS B 337 6.33 1.63 4.57
C LYS B 337 6.75 3.07 4.77
N LEU B 338 6.99 3.43 6.04
CA LEU B 338 7.45 4.75 6.43
C LEU B 338 8.89 4.98 6.02
N HIS B 339 9.74 4.01 6.33
CA HIS B 339 11.18 4.15 6.14
C HIS B 339 11.59 3.74 4.72
N ILE B 340 12.68 4.36 4.26
CA ILE B 340 13.18 4.19 2.90
C ILE B 340 14.58 3.58 2.93
N SER B 341 14.90 2.78 1.91
CA SER B 341 16.23 2.22 1.74
C SER B 341 17.10 3.24 1.01
N PRO B 342 18.43 3.24 1.29
CA PRO B 342 19.33 4.04 0.46
C PRO B 342 19.51 3.40 -0.92
N SER B 343 19.95 4.19 -1.89
CA SER B 343 20.29 3.71 -3.22
C SER B 343 21.71 3.14 -3.26
N ASN B 344 22.06 2.59 -4.42
CA ASN B 344 23.44 2.14 -4.72
C ASN B 344 24.40 3.23 -5.21
N MET B 345 23.99 4.52 -5.19
CA MET B 345 24.89 5.60 -5.67
C MET B 345 26.18 5.66 -4.85
N THR B 346 27.27 6.03 -5.52
CA THR B 346 28.58 6.13 -4.87
C THR B 346 28.59 7.30 -3.89
N ASN B 347 29.09 7.06 -2.68
CA ASN B 347 29.39 8.13 -1.73
C ASN B 347 30.73 8.74 -2.11
N GLN B 348 30.69 9.92 -2.72
CA GLN B 348 31.89 10.68 -3.10
C GLN B 348 32.63 11.34 -1.92
N ASN B 349 32.01 11.36 -0.73
CA ASN B 349 32.62 11.87 0.50
C ASN B 349 33.39 10.73 1.16
N THR B 350 34.71 10.76 1.02
CA THR B 350 35.56 9.74 1.65
C THR B 350 35.65 9.99 3.16
N PRO B 351 36.01 8.95 3.96
CA PRO B 351 36.24 9.17 5.41
C PRO B 351 37.26 10.26 5.75
N GLU B 352 38.31 10.37 4.93
CA GLU B 352 39.40 11.31 5.15
C GLU B 352 38.96 12.73 4.82
N TYR B 353 38.17 12.90 3.75
CA TYR B 353 37.52 14.18 3.42
C TYR B 353 36.66 14.68 4.58
N MET B 354 35.80 13.80 5.10
CA MET B 354 34.87 14.18 6.17
C MET B 354 35.59 14.60 7.45
N GLU B 355 36.61 13.83 7.86
CA GLU B 355 37.43 14.19 9.04
C GLU B 355 38.27 15.45 8.85
N LYS B 356 38.83 15.63 7.65
CA LYS B 356 39.63 16.83 7.34
C LYS B 356 38.80 18.12 7.41
N ILE B 357 37.60 18.10 6.81
CA ILE B 357 36.68 19.26 6.87
C ILE B 357 36.23 19.50 8.32
N LYS B 358 35.86 18.43 9.03
CA LYS B 358 35.51 18.51 10.47
C LYS B 358 36.62 19.17 11.31
N GLN B 359 37.87 18.77 11.07
CA GLN B 359 39.01 19.36 11.80
C GLN B 359 39.25 20.84 11.47
N ARG B 360 39.07 21.23 10.21
CA ARG B 360 39.14 22.65 9.80
C ARG B 360 38.03 23.50 10.45
N LEU B 361 36.81 22.95 10.54
CA LEU B 361 35.71 23.62 11.27
C LEU B 361 35.96 23.68 12.78
N PHE B 362 36.50 22.62 13.36
CA PHE B 362 36.91 22.61 14.78
C PHE B 362 37.93 23.69 15.10
N GLU B 363 38.91 23.91 14.20
CA GLU B 363 39.88 25.01 14.33
C GLU B 363 39.22 26.39 14.37
N ASN B 364 38.19 26.59 13.56
CA ASN B 364 37.40 27.84 13.58
C ASN B 364 36.56 27.98 14.85
N LEU B 365 35.95 26.89 15.32
CA LEU B 365 35.12 26.91 16.55
C LEU B 365 35.91 27.21 17.83
N ARG B 366 37.17 26.75 17.90
CA ARG B 366 38.09 27.11 19.00
C ARG B 366 38.47 28.61 19.08
N MET B 367 38.27 29.37 18.00
CA MET B 367 38.45 30.84 18.01
C MET B 367 37.34 31.65 18.71
N LEU B 368 36.20 31.02 19.04
CA LEU B 368 35.18 31.67 19.90
C LEU B 368 35.69 31.90 21.34
N PRO B 369 35.17 32.94 22.04
CA PRO B 369 35.66 33.26 23.39
C PRO B 369 35.12 32.31 24.47
N LYS C 4 34.87 -20.03 -9.71
CA LYS C 4 33.82 -19.16 -9.10
C LYS C 4 33.89 -19.20 -7.56
N LYS C 5 33.72 -18.04 -6.94
CA LYS C 5 33.77 -17.89 -5.48
C LYS C 5 32.41 -18.20 -4.85
N VAL C 6 32.42 -19.11 -3.87
CA VAL C 6 31.22 -19.48 -3.10
C VAL C 6 31.42 -18.98 -1.66
N CYS C 7 30.40 -18.31 -1.12
CA CYS C 7 30.31 -17.97 0.30
C CYS C 7 29.12 -18.71 0.92
N TYR C 8 29.32 -19.25 2.12
CA TYR C 8 28.40 -20.18 2.76
C TYR C 8 28.06 -19.66 4.16
N TYR C 9 26.77 -19.63 4.49
CA TYR C 9 26.27 -19.02 5.74
C TYR C 9 25.68 -20.09 6.65
N TYR C 10 26.16 -20.15 7.90
CA TYR C 10 25.75 -21.16 8.88
C TYR C 10 26.01 -20.68 10.31
N ASP C 11 25.00 -20.81 11.18
CA ASP C 11 25.15 -20.60 12.62
C ASP C 11 25.00 -21.96 13.32
N GLY C 12 25.97 -22.32 14.14
CA GLY C 12 25.96 -23.59 14.90
C GLY C 12 24.80 -23.84 15.87
N ASP C 13 24.10 -22.77 16.28
CA ASP C 13 22.87 -22.89 17.09
C ASP C 13 21.61 -23.32 16.32
N ILE C 14 21.61 -23.24 14.98
CA ILE C 14 20.39 -23.49 14.16
C ILE C 14 19.79 -24.90 14.36
N GLY C 15 20.65 -25.90 14.53
CA GLY C 15 20.20 -27.27 14.81
C GLY C 15 19.55 -27.54 16.16
N ASN C 16 19.73 -26.63 17.13
CA ASN C 16 19.15 -26.78 18.48
C ASN C 16 17.68 -26.34 18.64
N TYR C 17 17.14 -25.60 17.66
CA TYR C 17 15.74 -25.15 17.70
C TYR C 17 14.81 -26.31 17.38
N TYR C 18 13.71 -26.44 18.15
CA TYR C 18 12.84 -27.62 18.14
C TYR C 18 11.37 -27.19 18.03
N TYR C 19 10.71 -27.62 16.94
CA TYR C 19 9.27 -27.34 16.73
C TYR C 19 8.31 -28.06 17.69
N GLY C 20 8.76 -29.16 18.33
CA GLY C 20 7.96 -29.94 19.29
C GLY C 20 7.82 -31.39 18.84
N GLN C 21 7.30 -32.22 19.73
CA GLN C 21 7.17 -33.67 19.51
C GLN C 21 6.20 -33.97 18.35
N GLY C 22 6.65 -34.78 17.40
CA GLY C 22 5.86 -35.18 16.24
C GLY C 22 5.83 -34.22 15.06
N HIS C 23 6.42 -33.02 15.20
CA HIS C 23 6.38 -32.01 14.14
C HIS C 23 7.45 -32.36 13.08
N PRO C 24 7.07 -32.40 11.78
CA PRO C 24 8.03 -32.90 10.76
C PRO C 24 9.22 -32.00 10.42
N MET C 25 9.10 -30.68 10.55
CA MET C 25 10.24 -29.76 10.48
C MET C 25 11.27 -29.98 11.60
N LYS C 26 12.47 -30.46 11.22
CA LYS C 26 13.58 -30.73 12.14
C LYS C 26 14.77 -29.84 11.74
N PRO C 27 14.96 -28.67 12.41
CA PRO C 27 16.15 -27.81 12.16
C PRO C 27 17.55 -28.47 12.23
N HIS C 28 17.66 -29.55 13.00
N HIS C 28 17.70 -29.57 12.98
CA HIS C 28 18.81 -30.48 13.03
CA HIS C 28 18.97 -30.31 13.00
C HIS C 28 19.34 -30.94 11.67
C HIS C 28 19.36 -31.00 11.67
N ARG C 29 18.45 -31.04 10.68
CA ARG C 29 18.83 -31.36 9.26
C ARG C 29 19.87 -30.40 8.64
N ILE C 30 19.88 -29.13 9.09
CA ILE C 30 20.87 -28.13 8.64
C ILE C 30 22.24 -28.46 9.24
N ARG C 31 22.28 -28.89 10.50
CA ARG C 31 23.52 -29.37 11.15
C ARG C 31 24.06 -30.66 10.51
N MET C 32 23.17 -31.59 10.17
CA MET C 32 23.52 -32.82 9.43
C MET C 32 24.13 -32.52 8.06
N THR C 33 23.49 -31.61 7.32
CA THR C 33 23.99 -31.09 6.03
C THR C 33 25.39 -30.49 6.20
N HIS C 34 25.53 -29.61 7.18
CA HIS C 34 26.81 -28.94 7.50
C HIS C 34 27.92 -29.94 7.83
N ASN C 35 27.62 -30.86 8.74
CA ASN C 35 28.59 -31.88 9.17
C ASN C 35 29.00 -32.83 8.01
N LEU C 36 28.05 -33.16 7.14
CA LEU C 36 28.34 -34.03 5.98
C LEU C 36 29.28 -33.35 4.97
N LEU C 37 28.97 -32.10 4.60
CA LEU C 37 29.81 -31.34 3.66
C LEU C 37 31.18 -30.93 4.23
N LEU C 38 31.28 -30.71 5.55
CA LEU C 38 32.58 -30.53 6.24
C LEU C 38 33.48 -31.77 6.08
N ASN C 39 32.91 -32.95 6.31
CA ASN C 39 33.66 -34.22 6.18
C ASN C 39 34.01 -34.65 4.74
N TYR C 40 33.24 -34.16 3.76
CA TYR C 40 33.65 -34.23 2.33
C TYR C 40 34.83 -33.32 1.96
N GLY C 41 35.15 -32.32 2.79
CA GLY C 41 36.27 -31.40 2.60
C GLY C 41 35.92 -30.13 1.83
N LEU C 42 34.62 -29.83 1.70
CA LEU C 42 34.15 -28.68 0.90
C LEU C 42 34.39 -27.32 1.58
N TYR C 43 34.60 -27.32 2.90
CA TYR C 43 35.12 -26.15 3.66
C TYR C 43 36.45 -25.56 3.16
N ARG C 44 37.33 -26.42 2.62
CA ARG C 44 38.60 -25.99 2.02
C ARG C 44 38.46 -25.12 0.77
N LYS C 45 37.32 -25.21 0.08
CA LYS C 45 37.06 -24.52 -1.20
C LYS C 45 36.03 -23.37 -1.15
N MET C 46 35.51 -23.03 0.04
CA MET C 46 34.58 -21.88 0.21
C MET C 46 34.78 -21.15 1.54
N GLU C 47 34.29 -19.90 1.57
CA GLU C 47 34.36 -19.03 2.75
C GLU C 47 33.10 -19.25 3.59
N ILE C 48 33.27 -19.77 4.81
CA ILE C 48 32.17 -20.04 5.74
C ILE C 48 32.02 -18.83 6.68
N TYR C 49 30.80 -18.31 6.79
CA TYR C 49 30.47 -17.16 7.65
C TYR C 49 29.38 -17.52 8.66
N ARG C 50 29.51 -16.99 9.87
CA ARG C 50 28.42 -16.99 10.86
C ARG C 50 27.61 -15.72 10.58
N PRO C 51 26.35 -15.85 10.12
CA PRO C 51 25.59 -14.64 9.80
C PRO C 51 25.13 -13.90 11.05
N HIS C 52 25.08 -12.57 10.96
CA HIS C 52 24.49 -11.74 12.01
C HIS C 52 22.98 -11.97 12.05
N LYS C 53 22.41 -11.98 13.25
CA LYS C 53 20.95 -12.06 13.45
C LYS C 53 20.27 -10.87 12.74
N ALA C 54 19.28 -11.15 11.91
CA ALA C 54 18.46 -10.10 11.29
C ALA C 54 17.67 -9.40 12.39
N THR C 55 17.67 -8.07 12.39
CA THR C 55 16.94 -7.31 13.42
C THR C 55 15.43 -7.37 13.15
N ALA C 56 14.64 -7.08 14.20
CA ALA C 56 13.18 -6.87 14.06
C ALA C 56 12.85 -5.77 13.04
N GLU C 57 13.67 -4.71 13.04
CA GLU C 57 13.52 -3.57 12.12
C GLU C 57 13.73 -4.00 10.66
N GLU C 58 14.79 -4.79 10.42
CA GLU C 58 15.07 -5.41 9.10
C GLU C 58 13.87 -6.21 8.58
N MET C 59 13.24 -7.01 9.46
CA MET C 59 12.07 -7.82 9.10
C MET C 59 10.85 -6.98 8.71
N THR C 60 10.68 -5.82 9.36
CA THR C 60 9.58 -4.89 9.05
C THR C 60 9.74 -4.12 7.72
N LYS C 61 10.86 -4.30 7.01
CA LYS C 61 10.95 -3.89 5.60
C LYS C 61 9.88 -4.56 4.72
N TYR C 62 9.47 -5.77 5.07
CA TYR C 62 8.35 -6.46 4.42
C TYR C 62 7.17 -6.74 5.36
N HIS C 63 7.45 -7.39 6.50
CA HIS C 63 6.38 -7.81 7.44
C HIS C 63 5.79 -6.66 8.22
N SER C 64 4.55 -6.82 8.68
CA SER C 64 3.89 -5.78 9.47
C SER C 64 4.52 -5.71 10.88
N ASP C 65 4.49 -4.52 11.47
CA ASP C 65 5.05 -4.31 12.81
C ASP C 65 4.36 -5.14 13.87
N GLU C 66 3.03 -5.19 13.81
CA GLU C 66 2.22 -6.00 14.75
C GLU C 66 2.54 -7.48 14.68
N TYR C 67 2.79 -7.99 13.46
CA TYR C 67 3.18 -9.39 13.28
C TYR C 67 4.56 -9.70 13.88
N ILE C 68 5.56 -8.86 13.58
CA ILE C 68 6.93 -9.04 14.08
C ILE C 68 6.99 -8.84 15.61
N LYS C 69 6.27 -7.85 16.13
CA LYS C 69 6.10 -7.64 17.58
C LYS C 69 5.52 -8.87 18.27
N PHE C 70 4.48 -9.45 17.66
CA PHE C 70 3.87 -10.70 18.14
C PHE C 70 4.88 -11.87 18.18
N LEU C 71 5.61 -12.05 17.09
CA LEU C 71 6.68 -13.07 17.00
C LEU C 71 7.78 -12.88 18.05
N ARG C 72 8.15 -11.63 18.31
CA ARG C 72 9.11 -11.30 19.38
C ARG C 72 8.56 -11.52 20.80
N SER C 73 7.24 -11.34 20.97
CA SER C 73 6.57 -11.41 22.28
C SER C 73 6.06 -12.80 22.70
N ILE C 74 5.57 -13.58 21.75
CA ILE C 74 4.91 -14.87 22.04
C ILE C 74 5.87 -15.90 22.65
N ARG C 75 5.39 -16.65 23.65
CA ARG C 75 6.15 -17.68 24.37
C ARG C 75 5.20 -18.86 24.64
N PRO C 76 5.74 -20.10 24.80
CA PRO C 76 4.88 -21.23 25.21
C PRO C 76 4.02 -20.99 26.46
N ASP C 77 4.58 -20.29 27.45
CA ASP C 77 3.91 -19.99 28.73
C ASP C 77 2.97 -18.77 28.78
N ASN C 78 2.86 -17.99 27.68
CA ASN C 78 1.94 -16.81 27.63
C ASN C 78 0.86 -16.84 26.52
N MET C 79 0.58 -18.01 25.95
CA MET C 79 -0.31 -18.14 24.77
C MET C 79 -1.78 -17.77 25.03
N SER C 80 -2.26 -17.94 26.27
CA SER C 80 -3.60 -17.49 26.68
C SER C 80 -3.83 -15.97 26.56
N GLU C 81 -2.77 -15.18 26.74
CA GLU C 81 -2.82 -13.71 26.55
C GLU C 81 -3.00 -13.29 25.08
N TYR C 82 -2.44 -14.06 24.14
CA TYR C 82 -2.41 -13.72 22.71
C TYR C 82 -3.32 -14.58 21.81
N SER C 83 -4.49 -14.99 22.32
CA SER C 83 -5.42 -15.87 21.56
C SER C 83 -5.96 -15.23 20.27
N LYS C 84 -6.31 -13.94 20.34
CA LYS C 84 -6.77 -13.17 19.16
C LYS C 84 -5.66 -12.99 18.12
N GLN C 85 -4.46 -12.61 18.58
CA GLN C 85 -3.28 -12.47 17.71
C GLN C 85 -2.83 -13.80 17.08
N MET C 86 -2.91 -14.88 17.85
CA MET C 86 -2.65 -16.24 17.32
C MET C 86 -3.53 -16.62 16.13
N GLN C 87 -4.83 -16.29 16.21
CA GLN C 87 -5.76 -16.46 15.08
C GLN C 87 -5.44 -15.51 13.92
N ARG C 88 -5.22 -14.23 14.24
CA ARG C 88 -4.84 -13.20 13.26
C ARG C 88 -3.62 -13.59 12.43
N PHE C 89 -2.57 -14.07 13.11
CA PHE C 89 -1.28 -14.36 12.48
C PHE C 89 -1.02 -15.84 12.13
N ASN C 90 -2.00 -16.73 12.37
CA ASN C 90 -1.90 -18.18 12.07
C ASN C 90 -0.71 -18.88 12.77
N VAL C 91 -0.55 -18.60 14.05
CA VAL C 91 0.49 -19.20 14.89
C VAL C 91 -0.20 -19.92 16.04
N GLY C 92 0.22 -21.16 16.33
CA GLY C 92 -0.36 -21.97 17.43
C GLY C 92 -0.54 -23.44 17.13
N GLU C 93 -0.89 -23.79 15.89
CA GLU C 93 -1.14 -25.18 15.47
C GLU C 93 -0.02 -25.67 14.55
N ASP C 94 -0.19 -25.57 13.22
CA ASP C 94 0.81 -26.08 12.26
C ASP C 94 2.12 -25.28 12.27
N CYS C 95 2.01 -23.98 12.58
CA CYS C 95 3.15 -23.10 12.85
C CYS C 95 3.19 -22.88 14.38
N PRO C 96 3.84 -23.80 15.14
CA PRO C 96 3.75 -23.74 16.60
C PRO C 96 4.55 -22.62 17.26
N VAL C 97 4.19 -22.32 18.50
CA VAL C 97 5.00 -21.48 19.39
C VAL C 97 5.99 -22.44 20.06
N PHE C 98 7.29 -22.18 19.86
CA PHE C 98 8.36 -22.91 20.54
C PHE C 98 9.42 -21.97 21.11
N ASP C 99 10.23 -22.49 22.03
CA ASP C 99 11.29 -21.70 22.70
C ASP C 99 12.33 -21.19 21.69
N GLY C 100 12.62 -19.89 21.74
CA GLY C 100 13.54 -19.25 20.80
C GLY C 100 13.02 -19.09 19.37
N LEU C 101 11.69 -19.04 19.21
CA LEU C 101 11.05 -18.88 17.88
C LEU C 101 11.56 -17.65 17.15
N PHE C 102 11.64 -16.51 17.85
CA PHE C 102 12.12 -15.27 17.23
C PHE C 102 13.59 -15.35 16.79
N GLU C 103 14.44 -15.90 17.65
CA GLU C 103 15.88 -16.05 17.35
C GLU C 103 16.13 -17.00 16.17
N PHE C 104 15.28 -18.03 16.05
CA PHE C 104 15.26 -18.92 14.87
C PHE C 104 14.96 -18.15 13.58
N CYS C 105 13.94 -17.28 13.61
CA CYS C 105 13.65 -16.37 12.47
C CYS C 105 14.80 -15.43 12.15
N GLN C 106 15.47 -14.91 13.18
CA GLN C 106 16.62 -14.02 13.01
C GLN C 106 17.82 -14.69 12.32
N LEU C 107 18.09 -15.95 12.66
CA LEU C 107 19.23 -16.70 12.09
C LEU C 107 19.00 -17.11 10.64
N SER C 108 17.83 -17.68 10.35
CA SER C 108 17.47 -18.08 8.97
C SER C 108 17.41 -16.88 8.01
N THR C 109 16.79 -15.79 8.48
CA THR C 109 16.74 -14.52 7.71
C THR C 109 18.11 -13.86 7.56
N GLY C 110 18.87 -13.82 8.65
CA GLY C 110 20.23 -13.27 8.67
C GLY C 110 21.17 -13.83 7.62
N GLY C 111 21.11 -15.14 7.41
CA GLY C 111 21.91 -15.82 6.39
C GLY C 111 21.57 -15.43 4.96
N SER C 112 20.28 -15.31 4.67
CA SER C 112 19.81 -14.93 3.33
C SER C 112 20.14 -13.48 2.98
N VAL C 113 19.91 -12.57 3.93
CA VAL C 113 20.20 -11.13 3.74
C VAL C 113 21.71 -10.87 3.66
N ALA C 114 22.50 -11.56 4.50
CA ALA C 114 23.98 -11.49 4.43
C ALA C 114 24.53 -11.98 3.10
N GLY C 115 23.95 -13.07 2.57
CA GLY C 115 24.25 -13.58 1.23
C GLY C 115 23.99 -12.55 0.14
N ALA C 116 22.82 -11.90 0.21
CA ALA C 116 22.43 -10.82 -0.72
C ALA C 116 23.37 -9.61 -0.67
N VAL C 117 23.77 -9.19 0.54
CA VAL C 117 24.72 -8.09 0.73
C VAL C 117 26.09 -8.44 0.10
N LYS C 118 26.55 -9.68 0.31
CA LYS C 118 27.82 -10.16 -0.26
C LYS C 118 27.82 -10.16 -1.79
N LEU C 119 26.68 -10.53 -2.38
CA LEU C 119 26.47 -10.46 -3.84
C LEU C 119 26.39 -9.02 -4.35
N ASN C 120 25.66 -8.15 -3.64
CA ASN C 120 25.60 -6.69 -3.96
C ASN C 120 26.95 -5.98 -3.96
N ARG C 121 27.81 -6.32 -3.00
CA ARG C 121 29.18 -5.77 -2.92
C ARG C 121 30.18 -6.35 -3.95
N GLN C 122 29.79 -7.34 -4.75
CA GLN C 122 30.65 -8.03 -5.74
C GLN C 122 31.85 -8.75 -5.08
N GLN C 123 31.62 -9.27 -3.87
CA GLN C 123 32.62 -10.02 -3.08
C GLN C 123 32.43 -11.55 -3.17
N THR C 124 31.40 -12.01 -3.90
CA THR C 124 31.23 -13.43 -4.21
C THR C 124 30.38 -13.62 -5.48
N ASP C 125 30.53 -14.79 -6.10
CA ASP C 125 29.71 -15.21 -7.25
C ASP C 125 28.45 -15.95 -6.80
N MET C 126 28.61 -16.81 -5.79
CA MET C 126 27.50 -17.55 -5.16
C MET C 126 27.47 -17.33 -3.65
N ALA C 127 26.26 -17.22 -3.11
CA ALA C 127 26.00 -17.19 -1.66
C ALA C 127 25.05 -18.35 -1.34
N VAL C 128 25.36 -19.11 -0.27
CA VAL C 128 24.57 -20.30 0.12
C VAL C 128 24.06 -20.14 1.56
N ASN C 129 22.75 -20.32 1.75
CA ASN C 129 22.12 -20.36 3.09
C ASN C 129 21.06 -21.47 3.15
N TRP C 130 21.49 -22.67 3.55
CA TRP C 130 20.57 -23.82 3.64
C TRP C 130 19.49 -23.71 4.73
N ALA C 131 19.71 -22.87 5.75
CA ALA C 131 18.67 -22.56 6.76
C ALA C 131 17.52 -21.70 6.24
N GLY C 132 17.72 -21.00 5.11
CA GLY C 132 16.69 -20.15 4.49
C GLY C 132 15.75 -20.87 3.55
N GLY C 133 15.07 -20.10 2.70
CA GLY C 133 14.05 -20.58 1.77
C GLY C 133 12.63 -20.74 2.31
N LEU C 134 12.24 -19.89 3.26
CA LEU C 134 10.95 -19.98 3.97
C LEU C 134 9.85 -19.27 3.16
N HIS C 135 9.51 -19.91 2.04
CA HIS C 135 8.74 -19.24 0.98
C HIS C 135 7.23 -19.02 1.23
N HIS C 136 6.67 -19.66 2.26
CA HIS C 136 5.24 -19.53 2.60
C HIS C 136 4.87 -18.32 3.46
N ALA C 137 5.83 -17.77 4.22
CA ALA C 137 5.54 -16.67 5.15
C ALA C 137 5.02 -15.43 4.42
N LYS C 138 3.94 -14.84 4.96
CA LYS C 138 3.27 -13.68 4.38
C LYS C 138 3.57 -12.44 5.21
N LYS C 139 3.12 -11.28 4.72
CA LYS C 139 3.33 -9.97 5.39
C LYS C 139 2.94 -10.00 6.87
N SER C 140 1.76 -10.54 7.15
CA SER C 140 1.22 -10.62 8.51
C SER C 140 0.61 -11.99 8.79
N GLU C 141 1.27 -13.07 8.38
CA GLU C 141 0.76 -14.42 8.60
C GLU C 141 1.89 -15.45 8.51
N ALA C 142 1.99 -16.31 9.53
CA ALA C 142 2.79 -17.54 9.42
C ALA C 142 2.02 -18.55 8.56
N SER C 143 2.75 -19.43 7.89
CA SER C 143 2.12 -20.41 6.99
C SER C 143 3.06 -21.56 6.67
N GLY C 144 2.56 -22.80 6.75
CA GLY C 144 3.32 -23.98 6.33
C GLY C 144 4.70 -24.11 6.95
N PHE C 145 4.78 -23.90 8.26
CA PHE C 145 6.02 -23.91 9.08
C PHE C 145 6.93 -22.67 8.94
N CYS C 146 6.55 -21.69 8.11
CA CYS C 146 7.36 -20.49 7.84
C CYS C 146 6.75 -19.30 8.58
N TYR C 147 7.58 -18.53 9.27
CA TYR C 147 7.15 -17.32 10.01
C TYR C 147 7.62 -16.03 9.35
N VAL C 148 8.91 -15.96 9.02
CA VAL C 148 9.54 -14.79 8.39
C VAL C 148 10.11 -15.20 7.03
N ASN C 149 9.57 -14.61 5.98
CA ASN C 149 10.07 -14.74 4.60
C ASN C 149 11.45 -14.11 4.37
N ASP C 150 12.48 -14.90 4.68
CA ASP C 150 13.87 -14.57 4.35
C ASP C 150 14.14 -14.27 2.86
N ILE C 151 13.42 -14.96 1.97
CA ILE C 151 13.62 -14.84 0.52
C ILE C 151 13.23 -13.44 0.06
N VAL C 152 12.04 -13.00 0.48
CA VAL C 152 11.53 -11.66 0.14
C VAL C 152 12.48 -10.59 0.66
N LEU C 153 12.93 -10.73 1.90
CA LEU C 153 13.89 -9.77 2.49
C LEU C 153 15.24 -9.77 1.78
N ALA C 154 15.72 -10.95 1.36
CA ALA C 154 16.94 -11.08 0.56
C ALA C 154 16.80 -10.43 -0.83
N ILE C 155 15.65 -10.65 -1.48
CA ILE C 155 15.37 -10.05 -2.81
C ILE C 155 15.26 -8.52 -2.71
N LEU C 156 14.59 -8.01 -1.67
CA LEU C 156 14.53 -6.55 -1.44
C LEU C 156 15.92 -5.91 -1.29
N GLU C 157 16.83 -6.62 -0.59
CA GLU C 157 18.24 -6.21 -0.52
C GLU C 157 18.93 -6.25 -1.89
N LEU C 158 18.72 -7.33 -2.66
CA LEU C 158 19.27 -7.46 -4.02
C LEU C 158 18.80 -6.34 -4.99
N LEU C 159 17.52 -5.97 -4.88
CA LEU C 159 16.93 -4.91 -5.72
C LEU C 159 17.55 -3.50 -5.56
N LYS C 160 18.26 -3.24 -4.46
CA LYS C 160 19.06 -2.01 -4.33
C LYS C 160 20.19 -1.89 -5.37
N TYR C 161 20.77 -3.02 -5.78
CA TYR C 161 21.89 -3.07 -6.74
C TYR C 161 21.59 -3.75 -8.08
N HIS C 162 20.40 -4.36 -8.24
CA HIS C 162 20.03 -5.15 -9.42
C HIS C 162 18.68 -4.70 -9.95
N GLN C 163 18.62 -4.34 -11.24
CA GLN C 163 17.38 -3.90 -11.89
C GLN C 163 16.32 -5.01 -11.93
N ARG C 164 16.75 -6.22 -12.31
CA ARG C 164 15.89 -7.39 -12.47
C ARG C 164 16.46 -8.59 -11.72
N VAL C 165 15.65 -9.20 -10.85
CA VAL C 165 16.03 -10.38 -10.06
C VAL C 165 15.10 -11.54 -10.44
N LEU C 166 15.68 -12.70 -10.76
CA LEU C 166 14.91 -13.91 -11.09
C LEU C 166 14.84 -14.83 -9.86
N TYR C 167 13.63 -15.23 -9.48
CA TYR C 167 13.40 -16.19 -8.39
C TYR C 167 12.95 -17.52 -9.01
N ILE C 168 13.64 -18.60 -8.66
CA ILE C 168 13.34 -19.96 -9.15
C ILE C 168 13.11 -20.86 -7.94
N ASP C 169 12.04 -21.65 -7.98
CA ASP C 169 11.55 -22.40 -6.83
C ASP C 169 11.27 -23.87 -7.21
N ILE C 170 12.14 -24.77 -6.74
CA ILE C 170 12.02 -26.23 -6.99
C ILE C 170 11.56 -27.06 -5.77
N ASP C 171 11.18 -26.37 -4.69
CA ASP C 171 10.35 -26.95 -3.62
C ASP C 171 9.10 -27.59 -4.24
N ILE C 172 8.62 -28.68 -3.67
CA ILE C 172 7.38 -29.32 -4.16
C ILE C 172 6.13 -28.43 -4.01
N HIS C 173 6.14 -27.49 -3.06
CA HIS C 173 5.03 -26.56 -2.84
C HIS C 173 5.21 -25.28 -3.62
N HIS C 174 4.08 -24.61 -3.90
CA HIS C 174 4.06 -23.32 -4.58
C HIS C 174 4.73 -22.27 -3.69
N GLY C 175 5.64 -21.47 -4.27
CA GLY C 175 6.29 -20.37 -3.55
C GLY C 175 5.39 -19.16 -3.44
N ASP C 176 4.32 -19.31 -2.67
CA ASP C 176 3.20 -18.34 -2.65
C ASP C 176 3.53 -17.01 -1.97
N GLY C 177 4.26 -17.05 -0.84
CA GLY C 177 4.69 -15.83 -0.15
C GLY C 177 5.60 -14.94 -0.99
N VAL C 178 6.50 -15.55 -1.76
CA VAL C 178 7.43 -14.83 -2.63
C VAL C 178 6.69 -14.29 -3.86
N GLU C 179 5.87 -15.13 -4.49
CA GLU C 179 5.03 -14.71 -5.62
C GLU C 179 4.12 -13.55 -5.24
N GLU C 180 3.46 -13.64 -4.08
CA GLU C 180 2.56 -12.58 -3.61
C GLU C 180 3.29 -11.26 -3.38
N ALA C 181 4.48 -11.31 -2.77
CA ALA C 181 5.30 -10.12 -2.52
C ALA C 181 5.62 -9.33 -3.80
N PHE C 182 5.93 -10.05 -4.88
CA PHE C 182 6.35 -9.45 -6.15
C PHE C 182 5.35 -9.63 -7.29
N TYR C 183 4.07 -9.85 -6.96
CA TYR C 183 3.04 -10.15 -7.98
C TYR C 183 2.77 -8.99 -8.95
N THR C 184 2.95 -7.75 -8.50
CA THR C 184 2.67 -6.56 -9.33
C THR C 184 3.93 -5.78 -9.78
N THR C 185 5.11 -6.42 -9.77
CA THR C 185 6.34 -5.79 -10.27
C THR C 185 6.99 -6.65 -11.36
N ASP C 186 7.53 -5.96 -12.37
CA ASP C 186 8.44 -6.57 -13.37
C ASP C 186 9.91 -6.64 -12.92
N ARG C 187 10.25 -6.03 -11.78
CA ARG C 187 11.61 -6.09 -11.23
C ARG C 187 11.98 -7.40 -10.55
N VAL C 188 10.99 -8.25 -10.26
CA VAL C 188 11.24 -9.63 -9.83
C VAL C 188 10.32 -10.55 -10.63
N MET C 189 10.91 -11.51 -11.35
CA MET C 189 10.17 -12.58 -11.98
C MET C 189 10.25 -13.81 -11.07
N THR C 190 9.10 -14.40 -10.73
CA THR C 190 9.01 -15.61 -9.92
C THR C 190 8.62 -16.78 -10.80
N VAL C 191 9.34 -17.90 -10.67
CA VAL C 191 9.11 -19.12 -11.45
C VAL C 191 9.04 -20.28 -10.46
N SER C 192 7.87 -20.90 -10.34
CA SER C 192 7.65 -22.01 -9.41
C SER C 192 7.19 -23.27 -10.15
N PHE C 193 7.85 -24.38 -9.83
CA PHE C 193 7.46 -25.73 -10.25
C PHE C 193 6.96 -26.41 -8.98
N HIS C 194 5.78 -27.01 -9.02
CA HIS C 194 5.14 -27.53 -7.79
C HIS C 194 3.99 -28.50 -8.04
N LYS C 195 3.73 -29.35 -7.05
CA LYS C 195 2.51 -30.17 -7.00
C LYS C 195 1.31 -29.23 -6.86
N TYR C 196 0.28 -29.46 -7.68
CA TYR C 196 -0.95 -28.66 -7.70
C TYR C 196 -2.18 -29.56 -7.79
N GLY C 197 -3.26 -29.13 -7.14
CA GLY C 197 -4.54 -29.86 -7.11
C GLY C 197 -4.65 -30.66 -5.82
N GLU C 198 -5.59 -30.27 -4.95
CA GLU C 198 -5.86 -30.95 -3.67
C GLU C 198 -4.61 -30.98 -2.78
N TYR C 199 -3.92 -29.83 -2.72
CA TYR C 199 -2.57 -29.75 -2.14
C TYR C 199 -2.25 -28.35 -1.63
N PHE C 200 -1.43 -28.29 -0.59
CA PHE C 200 -1.02 -27.04 0.04
C PHE C 200 -0.07 -26.27 -0.90
N PRO C 201 -0.17 -24.91 -0.95
CA PRO C 201 -1.13 -23.99 -0.33
C PRO C 201 -2.45 -23.75 -1.11
N GLY C 202 -2.64 -24.39 -2.27
CA GLY C 202 -3.83 -24.21 -3.11
C GLY C 202 -3.70 -23.20 -4.25
N THR C 203 -2.57 -22.51 -4.33
CA THR C 203 -2.31 -21.46 -5.32
C THR C 203 -1.23 -21.93 -6.31
N GLY C 204 -0.86 -21.06 -7.26
CA GLY C 204 0.11 -21.40 -8.30
C GLY C 204 -0.54 -22.14 -9.45
N ASP C 205 -1.73 -21.67 -9.85
CA ASP C 205 -2.42 -22.16 -11.03
C ASP C 205 -1.66 -21.70 -12.27
N LEU C 206 -1.81 -22.43 -13.37
CA LEU C 206 -1.27 -22.03 -14.69
C LEU C 206 -1.68 -20.61 -15.09
N ARG C 207 -2.93 -20.24 -14.81
CA ARG C 207 -3.49 -18.91 -15.12
C ARG C 207 -2.94 -17.74 -14.28
N ASP C 208 -2.26 -18.02 -13.16
CA ASP C 208 -1.71 -16.98 -12.29
C ASP C 208 -0.38 -16.49 -12.87
N ILE C 209 -0.44 -15.36 -13.58
CA ILE C 209 0.68 -14.81 -14.37
C ILE C 209 1.19 -13.42 -13.89
N GLY C 210 0.66 -12.92 -12.78
CA GLY C 210 0.94 -11.57 -12.28
C GLY C 210 -0.15 -10.57 -12.64
N ALA C 211 -0.03 -9.37 -12.09
CA ALA C 211 -0.97 -8.26 -12.34
C ALA C 211 -0.21 -6.94 -12.52
N GLY C 212 -0.86 -5.97 -13.14
CA GLY C 212 -0.26 -4.64 -13.38
C GLY C 212 1.00 -4.71 -14.21
N LYS C 213 2.04 -3.95 -13.80
CA LYS C 213 3.40 -4.06 -14.36
C LYS C 213 3.99 -5.48 -14.27
N GLY C 214 3.58 -6.24 -13.25
CA GLY C 214 3.96 -7.65 -13.08
C GLY C 214 3.24 -8.70 -13.92
N LYS C 215 2.28 -8.30 -14.77
CA LYS C 215 1.60 -9.25 -15.67
C LYS C 215 2.62 -9.89 -16.62
N TYR C 216 2.61 -11.23 -16.67
CA TYR C 216 3.62 -12.10 -17.32
C TYR C 216 4.96 -12.27 -16.58
N TYR C 217 5.11 -11.73 -15.36
CA TYR C 217 6.32 -11.89 -14.53
C TYR C 217 6.13 -12.84 -13.33
N ALA C 218 5.01 -13.58 -13.30
CA ALA C 218 4.85 -14.74 -12.42
C ALA C 218 4.64 -15.94 -13.34
N VAL C 219 5.38 -17.02 -13.10
CA VAL C 219 5.32 -18.24 -13.91
C VAL C 219 5.07 -19.40 -12.96
N ASN C 220 4.09 -20.24 -13.29
CA ASN C 220 3.74 -21.41 -12.48
C ASN C 220 3.61 -22.64 -13.36
N PHE C 221 4.36 -23.69 -13.03
CA PHE C 221 4.26 -25.01 -13.67
C PHE C 221 3.60 -25.96 -12.64
N PRO C 222 2.25 -26.12 -12.71
CA PRO C 222 1.57 -27.07 -11.83
C PRO C 222 1.80 -28.52 -12.30
N MET C 223 2.11 -29.39 -11.35
CA MET C 223 2.41 -30.81 -11.61
C MET C 223 1.50 -31.71 -10.79
N ARG C 224 1.35 -32.94 -11.27
CA ARG C 224 0.68 -34.04 -10.56
C ARG C 224 1.72 -34.91 -9.84
N ASP C 225 1.25 -35.92 -9.11
CA ASP C 225 2.11 -36.85 -8.35
C ASP C 225 3.16 -37.57 -9.20
N GLY C 226 4.32 -37.83 -8.60
CA GLY C 226 5.28 -38.79 -9.12
C GLY C 226 6.15 -38.38 -10.29
N ILE C 227 6.41 -37.09 -10.46
CA ILE C 227 7.35 -36.60 -11.50
C ILE C 227 8.76 -37.15 -11.21
N ASP C 228 9.46 -37.54 -12.27
CA ASP C 228 10.78 -38.20 -12.19
C ASP C 228 11.87 -37.32 -12.83
N ASP C 229 13.13 -37.76 -12.71
CA ASP C 229 14.31 -37.01 -13.21
C ASP C 229 14.23 -36.54 -14.66
N GLU C 230 13.89 -37.46 -15.57
CA GLU C 230 13.85 -37.14 -17.02
C GLU C 230 12.70 -36.16 -17.38
N SER C 231 11.51 -36.39 -16.81
CA SER C 231 10.34 -35.52 -17.03
C SER C 231 10.54 -34.11 -16.48
N TYR C 232 11.11 -34.03 -15.28
CA TYR C 232 11.42 -32.73 -14.63
C TYR C 232 12.54 -31.99 -15.37
N GLY C 233 13.63 -32.71 -15.70
CA GLY C 233 14.76 -32.16 -16.46
C GLY C 233 14.38 -31.62 -17.84
N GLN C 234 13.54 -32.37 -18.55
CA GLN C 234 13.06 -31.99 -19.89
C GLN C 234 12.18 -30.72 -19.93
N ILE C 235 11.52 -30.36 -18.83
CA ILE C 235 10.77 -29.09 -18.73
C ILE C 235 11.54 -27.95 -18.04
N PHE C 236 12.40 -28.26 -17.06
CA PHE C 236 13.18 -27.24 -16.33
C PHE C 236 14.14 -26.45 -17.22
N LYS C 237 14.98 -27.16 -17.98
CA LYS C 237 16.00 -26.52 -18.84
C LYS C 237 15.40 -25.60 -19.93
N PRO C 238 14.42 -26.08 -20.73
CA PRO C 238 13.78 -25.18 -21.72
C PRO C 238 13.04 -23.96 -21.14
N ILE C 239 12.30 -24.15 -20.04
CA ILE C 239 11.57 -23.05 -19.39
C ILE C 239 12.55 -22.00 -18.85
N ILE C 240 13.54 -22.42 -18.07
CA ILE C 240 14.54 -21.50 -17.50
C ILE C 240 15.41 -20.83 -18.57
N SER C 241 15.82 -21.58 -19.61
CA SER C 241 16.55 -20.98 -20.76
C SER C 241 15.75 -19.89 -21.47
N LYS C 242 14.44 -20.13 -21.66
CA LYS C 242 13.53 -19.13 -22.26
C LYS C 242 13.33 -17.93 -21.33
N VAL C 243 13.14 -18.19 -20.02
CA VAL C 243 13.06 -17.13 -18.99
C VAL C 243 14.31 -16.23 -19.00
N MET C 244 15.49 -16.86 -19.02
CA MET C 244 16.77 -16.11 -19.08
C MET C 244 16.90 -15.24 -20.34
N GLU C 245 16.51 -15.80 -21.48
CA GLU C 245 16.51 -15.11 -22.78
C GLU C 245 15.60 -13.86 -22.79
N MET C 246 14.37 -14.03 -22.32
CA MET C 246 13.34 -12.97 -22.35
C MET C 246 13.51 -11.94 -21.23
N TYR C 247 13.75 -12.43 -20.02
CA TYR C 247 13.83 -11.57 -18.83
C TYR C 247 15.19 -10.89 -18.62
N GLN C 248 16.28 -11.61 -18.92
CA GLN C 248 17.66 -11.10 -18.79
C GLN C 248 17.95 -10.52 -17.39
N PRO C 249 17.82 -11.37 -16.34
CA PRO C 249 18.05 -10.90 -14.96
C PRO C 249 19.53 -10.66 -14.67
N SER C 250 19.82 -9.71 -13.78
CA SER C 250 21.20 -9.45 -13.31
C SER C 250 21.56 -10.23 -12.03
N ALA C 251 20.58 -10.80 -11.33
CA ALA C 251 20.82 -11.75 -10.23
C ALA C 251 19.71 -12.81 -10.16
N VAL C 252 20.04 -13.94 -9.53
CA VAL C 252 19.15 -15.10 -9.44
C VAL C 252 19.08 -15.60 -7.99
N VAL C 253 17.87 -15.95 -7.54
CA VAL C 253 17.66 -16.59 -6.25
C VAL C 253 17.04 -17.95 -6.53
N LEU C 254 17.72 -19.02 -6.12
CA LEU C 254 17.26 -20.41 -6.33
C LEU C 254 16.91 -21.01 -4.96
N GLN C 255 15.61 -21.25 -4.76
CA GLN C 255 15.11 -21.96 -3.58
C GLN C 255 15.18 -23.45 -3.92
N CYS C 256 15.97 -24.22 -3.15
CA CYS C 256 16.26 -25.63 -3.43
C CYS C 256 15.55 -26.59 -2.45
N GLY C 257 14.26 -26.35 -2.22
CA GLY C 257 13.45 -27.16 -1.31
C GLY C 257 13.53 -28.64 -1.65
N ALA C 258 14.01 -29.44 -0.68
CA ALA C 258 14.29 -30.87 -0.88
C ALA C 258 13.08 -31.80 -0.67
N ASP C 259 11.91 -31.23 -0.35
CA ASP C 259 10.65 -32.01 -0.28
C ASP C 259 10.10 -32.51 -1.64
N SER C 260 10.69 -32.06 -2.75
CA SER C 260 10.51 -32.65 -4.08
C SER C 260 11.31 -33.95 -4.35
N LEU C 261 12.14 -34.40 -3.40
CA LEU C 261 12.87 -35.68 -3.55
C LEU C 261 11.98 -36.89 -3.34
N SER C 262 12.36 -38.00 -3.98
CA SER C 262 11.74 -39.30 -3.79
C SER C 262 11.85 -39.74 -2.34
N GLY C 263 10.77 -40.32 -1.81
CA GLY C 263 10.71 -40.78 -0.42
C GLY C 263 10.67 -39.71 0.65
N ASP C 264 10.24 -38.49 0.31
CA ASP C 264 9.99 -37.45 1.32
C ASP C 264 8.74 -37.81 2.12
N ARG C 265 8.78 -37.60 3.43
CA ARG C 265 7.67 -37.94 4.35
C ARG C 265 6.32 -37.30 3.99
N LEU C 266 6.37 -36.04 3.54
CA LEU C 266 5.19 -35.25 3.16
C LEU C 266 4.99 -35.04 1.65
N GLY C 267 6.05 -35.20 0.84
CA GLY C 267 5.99 -34.98 -0.62
C GLY C 267 5.63 -36.22 -1.41
N CYS C 268 5.08 -36.00 -2.61
CA CYS C 268 4.69 -37.02 -3.58
C CYS C 268 5.40 -36.93 -4.97
N PHE C 269 6.63 -36.39 -5.01
CA PHE C 269 7.48 -36.39 -6.22
C PHE C 269 8.49 -37.53 -6.15
N ASN C 270 9.15 -37.81 -7.28
CA ASN C 270 10.09 -38.94 -7.43
C ASN C 270 11.44 -38.51 -8.03
N LEU C 271 11.98 -37.38 -7.56
CA LEU C 271 13.31 -36.90 -7.98
C LEU C 271 14.41 -37.54 -7.14
N THR C 272 15.54 -37.87 -7.77
CA THR C 272 16.78 -38.23 -7.05
C THR C 272 17.55 -36.94 -6.72
N VAL C 273 18.66 -37.10 -5.98
CA VAL C 273 19.58 -35.99 -5.69
C VAL C 273 20.22 -35.44 -6.97
N LYS C 274 20.61 -36.33 -7.90
CA LYS C 274 21.16 -35.92 -9.21
C LYS C 274 20.16 -35.11 -10.04
N GLY C 275 18.92 -35.56 -10.10
CA GLY C 275 17.84 -34.86 -10.81
C GLY C 275 17.46 -33.53 -10.19
N HIS C 276 17.46 -33.48 -8.86
CA HIS C 276 17.26 -32.23 -8.11
C HIS C 276 18.42 -31.26 -8.37
N ALA C 277 19.66 -31.74 -8.22
CA ALA C 277 20.87 -30.94 -8.44
C ALA C 277 21.14 -30.52 -9.90
N LYS C 278 20.54 -31.21 -10.87
CA LYS C 278 20.55 -30.79 -12.28
C LYS C 278 19.98 -29.36 -12.48
N CYS C 279 18.98 -28.99 -11.68
CA CYS C 279 18.46 -27.62 -11.61
C CYS C 279 19.52 -26.58 -11.24
N VAL C 280 20.36 -26.90 -10.25
CA VAL C 280 21.48 -26.04 -9.83
C VAL C 280 22.53 -25.92 -10.95
N GLU C 281 22.85 -27.04 -11.61
CA GLU C 281 23.77 -27.06 -12.77
C GLU C 281 23.28 -26.16 -13.92
N VAL C 282 21.99 -26.26 -14.25
CA VAL C 282 21.37 -25.46 -15.32
C VAL C 282 21.43 -23.95 -15.01
N VAL C 283 21.09 -23.57 -13.78
CA VAL C 283 21.12 -22.16 -13.35
C VAL C 283 22.55 -21.59 -13.37
N LYS C 284 23.53 -22.38 -12.89
CA LYS C 284 24.97 -22.04 -12.94
C LYS C 284 25.54 -21.69 -14.33
N THR C 285 25.03 -22.31 -15.38
CA THR C 285 25.52 -22.08 -16.76
C THR C 285 25.35 -20.63 -17.26
N PHE C 286 24.37 -19.90 -16.70
CA PHE C 286 24.11 -18.50 -17.07
C PHE C 286 25.06 -17.47 -16.46
N ASN C 287 25.90 -17.88 -15.50
CA ASN C 287 27.02 -17.07 -14.96
C ASN C 287 26.58 -15.73 -14.32
N LEU C 288 25.45 -15.79 -13.61
CA LEU C 288 24.87 -14.62 -12.92
C LEU C 288 25.09 -14.77 -11.40
N PRO C 289 25.15 -13.63 -10.66
CA PRO C 289 25.08 -13.65 -9.19
C PRO C 289 23.92 -14.51 -8.69
N LEU C 290 24.23 -15.46 -7.81
CA LEU C 290 23.31 -16.55 -7.45
C LEU C 290 23.23 -16.74 -5.94
N LEU C 291 22.04 -16.56 -5.37
CA LEU C 291 21.76 -16.88 -3.98
C LEU C 291 21.05 -18.23 -3.93
N MET C 292 21.69 -19.24 -3.33
CA MET C 292 21.12 -20.59 -3.18
C MET C 292 20.58 -20.74 -1.77
N LEU C 293 19.31 -21.10 -1.65
CA LEU C 293 18.62 -21.23 -0.37
C LEU C 293 18.04 -22.62 -0.21
N GLY C 294 17.75 -22.97 1.04
CA GLY C 294 17.10 -24.24 1.37
C GLY C 294 15.61 -24.18 1.12
N GLY C 295 14.85 -24.85 1.98
CA GLY C 295 13.41 -24.97 1.81
C GLY C 295 12.87 -26.16 2.58
N GLY C 296 11.82 -26.77 2.05
CA GLY C 296 11.27 -27.99 2.65
C GLY C 296 12.21 -29.17 2.54
N GLY C 297 11.83 -30.24 3.22
CA GLY C 297 12.57 -31.52 3.19
C GLY C 297 12.43 -32.20 4.53
N TYR C 298 11.74 -33.34 4.53
CA TYR C 298 11.24 -34.02 5.74
C TYR C 298 11.76 -35.45 5.97
N THR C 299 12.47 -36.03 5.00
CA THR C 299 13.30 -37.23 5.20
C THR C 299 14.73 -36.70 5.29
N ILE C 300 15.18 -36.45 6.52
CA ILE C 300 16.35 -35.59 6.77
C ILE C 300 17.71 -36.11 6.30
N ARG C 301 17.88 -37.44 6.27
CA ARG C 301 19.05 -38.05 5.62
C ARG C 301 19.21 -37.67 4.14
N ASN C 302 18.08 -37.64 3.41
CA ASN C 302 18.06 -37.24 1.99
C ASN C 302 18.21 -35.72 1.79
N VAL C 303 17.74 -34.92 2.75
CA VAL C 303 17.99 -33.47 2.77
C VAL C 303 19.49 -33.19 2.90
N ALA C 304 20.14 -33.86 3.85
CA ALA C 304 21.60 -33.76 4.06
C ALA C 304 22.39 -34.11 2.79
N ARG C 305 22.05 -35.23 2.17
CA ARG C 305 22.63 -35.66 0.89
C ARG C 305 22.47 -34.64 -0.23
N CYS C 306 21.23 -34.18 -0.39
CA CYS C 306 20.84 -33.29 -1.49
C CYS C 306 21.59 -31.96 -1.47
N TRP C 307 21.54 -31.29 -0.32
CA TRP C 307 22.22 -29.99 -0.13
C TRP C 307 23.75 -30.08 -0.01
N THR C 308 24.27 -31.23 0.42
CA THR C 308 25.72 -31.51 0.34
C THR C 308 26.17 -31.57 -1.13
N TYR C 309 25.45 -32.34 -1.94
CA TYR C 309 25.78 -32.50 -3.37
C TYR C 309 25.62 -31.19 -4.15
N GLU C 310 24.57 -30.42 -3.84
CA GLU C 310 24.35 -29.12 -4.49
C GLU C 310 25.38 -28.04 -4.09
N THR C 311 25.92 -28.12 -2.87
CA THR C 311 27.12 -27.34 -2.49
C THR C 311 28.35 -27.75 -3.32
N ALA C 312 28.53 -29.07 -3.52
CA ALA C 312 29.59 -29.59 -4.41
C ALA C 312 29.41 -29.17 -5.87
N VAL C 313 28.16 -29.11 -6.33
CA VAL C 313 27.81 -28.59 -7.67
C VAL C 313 28.15 -27.09 -7.77
N ALA C 314 27.82 -26.31 -6.74
CA ALA C 314 28.20 -24.88 -6.66
C ALA C 314 29.71 -24.64 -6.74
N LEU C 315 30.48 -25.51 -6.07
CA LEU C 315 31.95 -25.46 -6.10
C LEU C 315 32.64 -26.06 -7.34
N ASP C 316 31.87 -26.74 -8.21
CA ASP C 316 32.39 -27.49 -9.38
C ASP C 316 33.37 -28.59 -8.94
N CYS C 317 32.86 -29.45 -8.05
CA CYS C 317 33.64 -30.54 -7.43
C CYS C 317 32.86 -31.85 -7.47
N GLU C 318 33.43 -32.84 -8.16
CA GLU C 318 32.95 -34.22 -8.11
C GLU C 318 33.34 -34.80 -6.75
N ILE C 319 32.34 -35.18 -5.95
CA ILE C 319 32.56 -35.81 -4.64
C ILE C 319 32.17 -37.30 -4.72
N PRO C 320 32.88 -38.20 -3.98
CA PRO C 320 32.55 -39.64 -4.05
C PRO C 320 31.13 -40.00 -3.62
N ASN C 321 30.56 -41.04 -4.25
CA ASN C 321 29.27 -41.62 -3.83
C ASN C 321 29.36 -42.29 -2.46
N GLU C 322 30.54 -42.81 -2.09
CA GLU C 322 30.79 -43.35 -0.75
C GLU C 322 30.86 -42.17 0.21
N LEU C 323 29.97 -42.15 1.22
CA LEU C 323 29.94 -41.08 2.21
C LEU C 323 31.18 -41.16 3.09
N PRO C 324 31.79 -40.00 3.45
CA PRO C 324 32.87 -40.03 4.44
C PRO C 324 32.30 -40.28 5.83
N TYR C 325 33.18 -40.57 6.78
CA TYR C 325 32.76 -40.65 8.17
C TYR C 325 32.27 -39.27 8.63
N ASN C 326 31.18 -39.26 9.40
CA ASN C 326 30.61 -38.04 9.95
C ASN C 326 29.87 -38.33 11.26
N ASP C 327 29.45 -37.26 11.96
CA ASP C 327 28.76 -37.38 13.26
C ASP C 327 27.39 -38.07 13.24
N TYR C 328 26.75 -38.15 12.05
CA TYR C 328 25.43 -38.77 11.88
C TYR C 328 25.48 -39.92 10.86
N PHE C 329 26.56 -40.71 10.88
CA PHE C 329 26.82 -41.75 9.86
C PHE C 329 25.75 -42.84 9.84
N GLU C 330 25.33 -43.28 11.03
CA GLU C 330 24.19 -44.20 11.24
C GLU C 330 22.85 -43.84 10.57
N TYR C 331 22.58 -42.55 10.39
CA TYR C 331 21.35 -42.07 9.71
C TYR C 331 21.29 -42.47 8.22
N PHE C 332 22.45 -42.64 7.58
CA PHE C 332 22.57 -42.94 6.13
C PHE C 332 22.62 -44.43 5.75
N GLY C 333 22.49 -45.34 6.73
CA GLY C 333 22.50 -46.78 6.46
C GLY C 333 21.22 -47.31 5.80
N PRO C 334 21.22 -48.58 5.36
CA PRO C 334 22.30 -49.59 5.43
C PRO C 334 23.41 -49.51 4.36
N ASP C 335 23.21 -48.77 3.26
CA ASP C 335 24.17 -48.69 2.14
C ASP C 335 25.22 -47.56 2.28
N PHE C 336 24.88 -46.48 3.00
CA PHE C 336 25.82 -45.37 3.32
C PHE C 336 26.37 -44.64 2.08
N LYS C 337 25.49 -44.42 1.10
CA LYS C 337 25.82 -43.76 -0.17
C LYS C 337 25.22 -42.35 -0.20
N LEU C 338 25.82 -41.50 -1.03
CA LEU C 338 25.36 -40.12 -1.24
C LEU C 338 24.06 -40.07 -2.03
N HIS C 339 24.06 -40.76 -3.17
CA HIS C 339 22.95 -40.71 -4.14
C HIS C 339 21.88 -41.75 -3.83
N ILE C 340 20.63 -41.41 -4.21
CA ILE C 340 19.44 -42.22 -3.91
C ILE C 340 18.82 -42.75 -5.19
N SER C 341 18.11 -43.87 -5.08
CA SER C 341 17.31 -44.43 -6.18
C SER C 341 15.89 -43.89 -6.11
N PRO C 342 15.23 -43.70 -7.28
CA PRO C 342 13.80 -43.36 -7.26
C PRO C 342 12.93 -44.58 -6.88
N SER C 343 11.71 -44.30 -6.44
CA SER C 343 10.73 -45.36 -6.14
C SER C 343 10.05 -45.83 -7.44
N ASN C 344 9.23 -46.87 -7.30
CA ASN C 344 8.39 -47.38 -8.39
C ASN C 344 7.02 -46.68 -8.55
N MET C 345 6.80 -45.53 -7.89
CA MET C 345 5.50 -44.83 -7.94
C MET C 345 5.15 -44.38 -9.36
N THR C 346 3.86 -44.33 -9.65
CA THR C 346 3.36 -43.94 -10.98
C THR C 346 3.57 -42.43 -11.17
N ASN C 347 4.15 -42.06 -12.33
CA ASN C 347 4.22 -40.67 -12.76
C ASN C 347 2.85 -40.33 -13.35
N GLN C 348 2.07 -39.55 -12.60
CA GLN C 348 0.74 -39.10 -13.03
C GLN C 348 0.76 -37.94 -14.04
N ASN C 349 1.94 -37.37 -14.32
CA ASN C 349 2.12 -36.34 -15.34
C ASN C 349 2.28 -37.02 -16.70
N THR C 350 1.23 -37.00 -17.50
CA THR C 350 1.27 -37.59 -18.85
C THR C 350 2.11 -36.69 -19.79
N PRO C 351 2.73 -37.27 -20.84
CA PRO C 351 3.40 -36.43 -21.86
C PRO C 351 2.54 -35.31 -22.48
N GLU C 352 1.27 -35.61 -22.75
CA GLU C 352 0.29 -34.61 -23.24
C GLU C 352 0.11 -33.44 -22.28
N TYR C 353 -0.06 -33.78 -21.00
CA TYR C 353 -0.20 -32.78 -19.92
C TYR C 353 1.03 -31.87 -19.83
N MET C 354 2.22 -32.47 -19.81
CA MET C 354 3.47 -31.71 -19.70
C MET C 354 3.74 -30.79 -20.90
N GLU C 355 3.42 -31.27 -22.11
CA GLU C 355 3.55 -30.47 -23.34
C GLU C 355 2.56 -29.29 -23.38
N LYS C 356 1.30 -29.54 -23.00
CA LYS C 356 0.25 -28.48 -22.91
C LYS C 356 0.62 -27.34 -21.94
N ILE C 357 1.15 -27.71 -20.77
CA ILE C 357 1.59 -26.71 -19.78
C ILE C 357 2.81 -25.95 -20.32
N LYS C 358 3.80 -26.68 -20.82
CA LYS C 358 5.02 -26.07 -21.42
C LYS C 358 4.70 -25.12 -22.58
N GLN C 359 3.77 -25.52 -23.45
CA GLN C 359 3.27 -24.69 -24.57
C GLN C 359 2.66 -23.38 -24.08
N ARG C 360 1.82 -23.43 -23.05
CA ARG C 360 1.21 -22.23 -22.45
C ARG C 360 2.24 -21.27 -21.83
N LEU C 361 3.23 -21.81 -21.12
CA LEU C 361 4.29 -20.97 -20.51
C LEU C 361 5.19 -20.29 -21.54
N PHE C 362 5.56 -21.00 -22.60
CA PHE C 362 6.28 -20.41 -23.75
C PHE C 362 5.47 -19.28 -24.42
N GLU C 363 4.16 -19.47 -24.57
CA GLU C 363 3.24 -18.41 -25.06
C GLU C 363 3.22 -17.17 -24.16
N ASN C 364 3.20 -17.39 -22.84
CA ASN C 364 3.26 -16.30 -21.85
C ASN C 364 4.61 -15.57 -21.83
N LEU C 365 5.71 -16.32 -21.97
CA LEU C 365 7.07 -15.72 -21.98
C LEU C 365 7.35 -14.84 -23.20
N ARG C 366 6.80 -15.18 -24.36
CA ARG C 366 6.89 -14.32 -25.57
C ARG C 366 6.03 -13.02 -25.54
N MET C 367 5.16 -12.86 -24.52
CA MET C 367 4.51 -11.56 -24.24
C MET C 367 5.39 -10.53 -23.51
N LEU C 368 6.59 -10.92 -23.03
CA LEU C 368 7.60 -9.95 -22.56
C LEU C 368 8.15 -9.11 -23.73
N PRO C 369 8.59 -7.86 -23.47
CA PRO C 369 8.99 -6.94 -24.56
C PRO C 369 10.37 -7.27 -25.14
ZN ZN D . -24.30 5.87 -5.86
CA CA E . -20.48 0.58 -3.02
CA CA F . -22.92 -6.63 10.07
C2 6EZ G . -34.11 5.59 -6.29
C3 6EZ G . -33.65 6.59 -5.43
C4 6EZ G . -32.30 6.67 -5.11
C5 6EZ G . -31.39 5.74 -5.65
C6 6EZ G . -31.88 4.75 -6.52
C7 6EZ G . -33.23 4.67 -6.83
C9 6EZ G . -29.28 7.05 -5.21
C10 6EZ G . -27.92 7.13 -4.90
C12 6EZ G . -26.27 8.92 -5.41
O13 6EZ G . -25.62 8.21 -6.15
C15 6EZ G . -25.55 10.57 -3.65
C16 6EZ G . -25.05 12.02 -3.39
C17 6EZ G . -25.96 13.12 -3.99
C18 6EZ G . -25.35 13.36 -5.39
C19 6EZ G . -24.24 12.30 -5.51
C20 6EZ G . -24.85 10.98 -6.07
C22 6EZ G . -27.23 5.93 -4.69
C24 6EZ G . -27.87 4.69 -4.80
F1 6EZ G . -35.41 5.50 -6.61
C8 6EZ G . -29.94 5.81 -5.31
N11 6EZ G . -27.38 8.43 -4.79
C14 6EZ G . -25.94 10.38 -5.14
O21 6EZ G . -23.82 12.12 -4.14
N23 6EZ G . -25.89 5.93 -4.39
C25 6EZ G . -29.21 4.63 -5.09
C1 PEG H . -38.77 11.46 -21.23
O1 PEG H . -40.06 11.51 -21.86
C2 PEG H . -38.83 12.20 -19.89
O2 PEG H . -39.82 11.60 -19.05
C3 PEG H . -39.90 12.18 -17.75
C4 PEG H . -41.27 11.90 -17.15
O4 PEG H . -41.69 13.02 -16.35
C1 PEG I . -32.39 -20.65 10.59
O1 PEG I . -32.84 -21.71 9.73
C2 PEG I . -33.27 -19.42 10.37
O2 PEG I . -33.34 -18.67 11.60
C3 PEG I . -34.40 -17.72 11.61
C4 PEG I . -34.34 -16.89 12.88
O4 PEG I . -35.63 -16.38 13.20
O1 PG4 J . -30.65 12.92 -21.82
C1 PG4 J . -31.20 12.15 -22.90
C2 PG4 J . -30.74 12.74 -24.23
O2 PG4 J . -31.62 12.29 -25.27
C3 PG4 J . -31.19 12.68 -26.59
C4 PG4 J . -30.24 11.64 -27.17
O3 PG4 J . -29.10 12.28 -27.76
C5 PG4 J . -28.00 11.41 -28.01
C6 PG4 J . -27.02 11.43 -26.84
O4 PG4 J . -26.02 10.43 -27.04
C7 PG4 J . -24.77 10.69 -26.39
C8 PG4 J . -23.87 11.53 -27.29
O5 PG4 J . -23.04 12.38 -26.48
C1 PG5 K . -50.42 8.57 -16.07
O1 PG5 K . -50.27 7.20 -15.69
C2 PG5 K . -50.25 6.99 -14.27
C3 PG5 K . -48.84 7.15 -13.72
O2 PG5 K . -48.84 7.93 -12.53
C4 PG5 K . -47.59 8.56 -12.25
C5 PG5 K . -47.66 9.39 -10.97
O3 PG5 K . -47.06 10.68 -11.19
C6 PG5 K . -47.33 11.69 -10.22
C7 PG5 K . -47.89 12.92 -10.92
O4 PG5 K . -48.89 13.55 -10.11
C8 PG5 K . -49.46 14.68 -10.75
C1 PGE L . -31.33 -8.99 13.03
O1 PGE L . -31.31 -9.99 14.05
C2 PGE L . -30.67 -7.71 13.53
O2 PGE L . -31.17 -6.60 12.81
C3 PGE L . -30.58 -5.36 13.21
C4 PGE L . -31.34 -4.20 12.59
O4 PGE L . -35.05 -3.38 14.24
C6 PGE L . -34.95 -3.34 12.81
C5 PGE L . -33.50 -3.23 12.37
O3 PGE L . -32.73 -4.29 12.94
C1 PGE M . -20.63 -20.58 10.49
O1 PGE M . -20.76 -21.84 9.83
C2 PGE M . -19.34 -19.88 10.04
O2 PGE M . -19.13 -18.69 10.80
C3 PGE M . -19.81 -17.53 10.33
C4 PGE M . -20.28 -16.69 11.51
O4 PGE M . -24.83 -16.27 12.84
C6 PGE M . -23.65 -17.05 13.07
C5 PGE M . -22.43 -16.32 12.53
O3 PGE M . -21.48 -17.27 12.04
ZN ZN N . 17.00 22.77 -0.93
CA CA O . 21.87 23.03 4.26
CA CA P . 26.30 35.14 12.30
C2 6EZ Q . 8.10 26.84 0.10
C3 6EZ Q . 8.86 27.47 -0.88
C4 6EZ Q . 10.19 27.15 -1.04
C5 6EZ Q . 10.80 26.20 -0.20
C6 6EZ Q . 10.01 25.56 0.78
C7 6EZ Q . 8.67 25.88 0.93
C9 6EZ Q . 12.81 25.74 -1.65
C10 6EZ Q . 14.15 25.39 -1.82
C12 6EZ Q . 15.32 24.36 -3.78
O13 6EZ Q . 15.60 23.33 -3.17
C15 6EZ Q . 16.66 25.74 -5.39
C16 6EZ Q . 17.18 25.88 -6.85
C17 6EZ Q . 16.05 25.84 -7.92
C18 6EZ Q . 15.94 24.35 -8.29
C19 6EZ Q . 16.91 23.64 -7.33
C20 6EZ Q . 16.17 23.32 -5.99
C22 6EZ Q . 14.91 25.17 -0.67
C24 6EZ Q . 14.36 25.26 0.62
F1 6EZ Q . 6.80 27.14 0.27
C8 6EZ Q . 12.23 25.85 -0.37
N11 6EZ Q . 14.62 25.35 -3.16
C14 6EZ Q . 15.66 24.58 -5.25
O21 6EZ Q . 17.92 24.65 -7.10
N23 6EZ Q . 16.23 24.81 -0.75
C25 6EZ Q . 13.03 25.61 0.75
C1 EDO R . -3.33 17.62 23.81
O1 EDO R . -3.92 18.35 22.72
C2 EDO R . -1.82 17.86 23.83
O2 EDO R . -1.19 16.93 24.72
C1 PEG S . -3.92 16.24 -5.69
O1 PEG S . -5.33 16.42 -5.54
C2 PEG S . -3.33 17.40 -6.49
O2 PEG S . -3.67 18.65 -5.88
C3 PEG S . -3.10 19.79 -6.52
C4 PEG S . -3.95 21.01 -6.20
O4 PEG S . -3.57 22.10 -7.06
C1 PEG T . 15.44 48.20 -11.21
O1 PEG T . 16.54 49.12 -11.21
C2 PEG T . 14.25 48.78 -11.96
O2 PEG T . 13.07 48.72 -11.15
C3 PEG T . 12.04 49.63 -11.55
C4 PEG T . 10.79 49.38 -10.72
O4 PEG T . 11.07 49.55 -9.33
C1 PG5 U . 9.30 2.39 -7.29
O1 PG5 U . 8.40 3.31 -7.88
C2 PG5 U . 8.23 4.55 -7.15
C3 PG5 U . 6.91 4.54 -6.40
O2 PG5 U . 5.93 5.28 -7.13
C4 PG5 U . 4.68 5.39 -6.43
C5 PG5 U . 3.64 5.96 -7.39
O3 PG5 U . 2.40 6.16 -6.71
C6 PG5 U . 1.39 6.81 -7.48
C7 PG5 U . 1.50 8.32 -7.35
O4 PG5 U . 0.34 8.96 -7.88
C8 PG5 U . 0.33 10.37 -7.65
C1 PG5 V . 17.97 0.17 9.16
O1 PG5 V . 16.65 -0.34 9.29
C2 PG5 V . 15.82 0.03 8.18
C3 PG5 V . 14.45 -0.61 8.31
O2 PG5 V . 13.86 -0.29 9.58
C4 PG5 V . 12.50 0.11 9.55
C5 PG5 V . 11.90 0.03 10.95
O3 PG5 V . 12.66 0.80 11.89
C6 PG5 V . 11.91 1.53 12.87
C7 PG5 V . 12.72 1.75 14.13
O4 PG5 V . 13.98 2.35 13.83
C8 PG5 V . 14.79 2.53 14.98
C1 PGE W . -9.10 31.25 -0.10
O1 PGE W . -10.31 31.90 -0.52
C2 PGE W . -8.65 30.27 -1.18
O2 PGE W . -7.77 29.29 -0.62
C3 PGE W . -7.25 28.35 -1.57
C4 PGE W . -5.90 28.80 -2.10
O4 PGE W . -7.17 30.15 -6.46
C6 PGE W . -6.33 29.20 -5.77
C5 PGE W . -6.10 29.68 -4.34
O3 PGE W . -5.79 28.56 -3.50
C1 PGE X . -9.94 25.14 6.16
O1 PGE X . -11.23 25.60 6.59
C2 PGE X . -8.89 26.21 6.39
O2 PGE X . -9.34 27.48 5.89
C3 PGE X . -8.36 28.51 5.98
C4 PGE X . -8.78 29.74 5.18
O4 PGE X . -6.79 32.70 3.45
C6 PGE X . -5.90 31.64 3.85
C5 PGE X . -6.59 30.76 4.88
O3 PGE X . -7.75 30.16 4.28
C1 PGE Y . 30.18 32.75 26.87
O1 PGE Y . 29.22 33.70 27.34
C2 PGE Y . 29.81 32.28 25.46
O2 PGE Y . 30.16 33.30 24.52
C3 PGE Y . 29.91 32.93 23.16
C4 PGE Y . 30.01 34.15 22.25
O4 PGE Y . 26.99 36.95 23.12
C6 PGE Y . 27.55 36.78 21.81
C5 PGE Y . 29.01 36.33 21.90
O3 PGE Y . 29.10 35.15 22.71
C1 PGE Z . 9.11 8.55 -9.07
O1 PGE Z . 9.27 8.31 -10.48
C2 PGE Z . 10.37 9.22 -8.51
O2 PGE Z . 11.23 8.23 -7.97
C3 PGE Z . 12.59 8.66 -7.83
C4 PGE Z . 13.38 7.62 -7.05
O4 PGE Z . 13.98 6.92 -2.58
C6 PGE Z . 12.96 6.56 -3.52
C5 PGE Z . 13.50 6.53 -4.95
O3 PGE Z . 12.84 7.51 -5.74
C1 PGE AA . 13.92 16.76 24.56
O1 PGE AA . 14.07 16.24 25.90
C2 PGE AA . 14.10 18.27 24.59
O2 PGE AA . 13.63 18.86 23.37
C3 PGE AA . 13.94 20.26 23.24
C4 PGE AA . 13.11 21.11 24.20
O4 PGE AA . 12.30 24.14 26.23
C6 PGE AA . 13.44 23.43 26.74
C5 PGE AA . 13.28 21.93 26.52
O3 PGE AA . 13.92 21.54 25.29
ZN ZN BA . 7.67 -27.45 0.57
CA CA CA . 8.05 -24.83 -5.98
CA CA DA . 6.71 -10.35 -10.45
C2 6EZ EA . 12.41 -23.35 8.13
C3 6EZ EA . 11.03 -23.21 8.25
C4 6EZ EA . 10.20 -23.57 7.20
C5 6EZ EA . 10.76 -24.08 6.01
C6 6EZ EA . 12.16 -24.21 5.91
C7 6EZ EA . 12.98 -23.85 6.98
C9 6EZ EA . 8.68 -25.16 5.09
C10 6EZ EA . 7.84 -25.54 4.03
C12 6EZ EA . 6.17 -27.39 3.88
O13 6EZ EA . 6.80 -28.00 3.04
C15 6EZ EA . 3.68 -27.02 4.06
C16 6EZ EA . 2.32 -27.61 4.50
C17 6EZ EA . 2.27 -28.11 5.97
C18 6EZ EA . 2.65 -29.61 5.86
C19 6EZ EA . 3.05 -29.79 4.37
C20 6EZ EA . 4.54 -29.40 4.18
C22 6EZ EA . 8.26 -25.19 2.73
C24 6EZ EA . 9.46 -24.51 2.50
F1 6EZ EA . 13.23 -22.99 9.14
C8 6EZ EA . 9.88 -24.47 4.87
N11 6EZ EA . 6.64 -26.22 4.37
C14 6EZ EA . 4.86 -27.91 4.48
O21 6EZ EA . 2.19 -28.83 3.71
N23 6EZ EA . 7.50 -25.53 1.62
C25 6EZ EA . 10.26 -24.14 3.56
C1 EDO FA . 35.30 -16.20 6.95
O1 EDO FA . 35.48 -15.39 8.12
C2 EDO FA . 36.24 -15.73 5.85
O2 EDO FA . 37.59 -15.80 6.30
C1 PEG GA . 34.18 -12.19 -6.46
O1 PEG GA . 35.53 -12.42 -6.86
C2 PEG GA . 33.27 -12.12 -7.68
O2 PEG GA . 33.12 -10.75 -8.08
C3 PEG GA . 32.25 -10.55 -9.20
C4 PEG GA . 33.01 -10.79 -10.52
O4 PEG GA . 32.50 -11.94 -11.19
O1 PG4 HA . 16.86 0.31 -9.61
C1 PG4 HA . 17.93 0.12 -8.67
C2 PG4 HA . 18.95 -0.84 -9.25
O2 PG4 HA . 19.84 -0.13 -10.11
C3 PG4 HA . 20.97 -0.89 -10.51
C4 PG4 HA . 21.81 -0.09 -11.50
O3 PG4 HA . 22.31 1.09 -10.86
C5 PG4 HA . 23.03 1.94 -11.76
C6 PG4 HA . 23.63 3.11 -11.00
O4 PG4 HA . 24.76 2.67 -10.24
C7 PG4 HA . 25.48 3.73 -9.64
C8 PG4 HA . 26.52 3.17 -8.69
O5 PG4 HA . 27.74 2.93 -9.40
C1 PGE IA . 7.37 -4.58 -1.76
O1 PGE IA . 6.55 -5.30 -0.85
C2 PGE IA . 7.40 -5.28 -3.11
O2 PGE IA . 8.53 -4.80 -3.84
C3 PGE IA . 8.26 -4.53 -5.21
C4 PGE IA . 9.56 -4.12 -5.91
O4 PGE IA . 12.03 -0.06 -6.31
C6 PGE IA . 11.36 -0.92 -5.39
C5 PGE IA . 11.06 -2.26 -6.05
O3 PGE IA . 10.01 -2.90 -5.32
C1 PGE JA . 15.72 -23.03 25.12
O1 PGE JA . 15.23 -21.70 25.34
C2 PGE JA . 15.65 -23.35 23.63
O2 PGE JA . 16.93 -23.16 23.02
C3 PGE JA . 16.91 -23.14 21.59
C4 PGE JA . 18.31 -23.42 21.06
O4 PGE JA . 21.08 -20.80 22.72
C6 PGE JA . 21.41 -21.39 21.46
C5 PGE JA . 20.55 -22.63 21.20
O3 PGE JA . 19.16 -22.31 21.35
#